data_4C5C
#
_entry.id   4C5C
#
_cell.length_a   51.230
_cell.length_b   97.800
_cell.length_c   110.120
_cell.angle_alpha   90.00
_cell.angle_beta   90.00
_cell.angle_gamma   90.00
#
_symmetry.space_group_name_H-M   'P 21 21 21'
#
loop_
_entity.id
_entity.type
_entity.pdbx_description
1 polymer 'D-ALANINE--D-ALANINE LIGASE'
2 non-polymer "ADENOSINE-5'-TRIPHOSPHATE"
3 non-polymer D-ALANINE
4 non-polymer 'MAGNESIUM ION'
5 non-polymer GLYCEROL
6 water water
#
_entity_poly.entity_id   1
_entity_poly.type   'polypeptide(L)'
_entity_poly.pdbx_seq_one_letter_code
;MSYYHHHHHHDYIPTTENLYFNGAMTDKIAVLLGGTSAEREVSLNSGAAVLAGLREGGIDAYPVDPKEVDVTQLKSMGFQ
KVFIALHGRGGEDGTLQGMLELMGLPYTGSGVMASALSMDKLRSKLLWQGAGLPVAPWVALTRAEFEKGLSDKQLAEISA
LGLPVIVKPSREGSSVGMSKVVAENALQDALRLAFQHDEEVLIEKWLSGPEFTVAILGEEILPSIRIQPSGTFYDYEAKY
LSDETQYFCPAGLEASQEANLQALVLKAWTTLGCKGWGRIDVMLDSDGQFYLLEANTSPGMTSHSLVPMAARQAGMSFSQ
LVVRILELAD
;
_entity_poly.pdbx_strand_id   A,B
#
loop_
_chem_comp.id
_chem_comp.type
_chem_comp.name
_chem_comp.formula
ATP non-polymer ADENOSINE-5'-TRIPHOSPHATE 'C10 H16 N5 O13 P3'
GOL non-polymer GLYCEROL 'C3 H8 O3'
MG non-polymer 'MAGNESIUM ION' 'Mg 2'
#
# COMPACT_ATOMS: atom_id res chain seq x y z
N MET A 25 -19.71 -14.29 -29.24
CA MET A 25 -18.50 -14.96 -28.69
C MET A 25 -18.58 -15.00 -27.17
N THR A 26 -18.02 -16.05 -26.57
CA THR A 26 -17.78 -16.09 -25.13
C THR A 26 -16.55 -15.22 -24.81
N ASP A 27 -16.26 -15.03 -23.53
CA ASP A 27 -15.19 -14.10 -23.11
C ASP A 27 -13.81 -14.48 -23.61
N LYS A 28 -13.06 -13.49 -24.10
CA LYS A 28 -11.67 -13.70 -24.47
C LYS A 28 -10.82 -13.21 -23.29
N ILE A 29 -9.95 -14.10 -22.81
CA ILE A 29 -9.14 -13.81 -21.64
C ILE A 29 -7.70 -13.54 -22.09
N ALA A 30 -7.09 -12.47 -21.58
CA ALA A 30 -5.65 -12.26 -21.78
C ALA A 30 -4.88 -12.84 -20.63
N VAL A 31 -3.92 -13.74 -20.92
CA VAL A 31 -3.03 -14.22 -19.86
C VAL A 31 -1.76 -13.39 -20.00
N LEU A 32 -1.53 -12.50 -19.03
CA LEU A 32 -0.33 -11.65 -19.07
C LEU A 32 0.83 -12.41 -18.50
N LEU A 33 1.92 -12.48 -19.28
CA LEU A 33 3.08 -13.28 -18.89
C LEU A 33 4.33 -12.65 -19.43
N GLY A 34 5.45 -13.01 -18.78
CA GLY A 34 6.73 -12.46 -19.21
C GLY A 34 7.03 -11.11 -18.60
N GLY A 35 6.82 -10.03 -19.37
CA GLY A 35 7.13 -8.67 -18.89
C GLY A 35 8.64 -8.50 -18.75
N THR A 36 9.06 -7.58 -17.89
CA THR A 36 10.48 -7.15 -17.91
C THR A 36 11.22 -7.20 -16.57
N SER A 37 10.62 -7.83 -15.60
CA SER A 37 11.22 -8.00 -14.28
C SER A 37 12.31 -9.09 -14.22
N ALA A 38 13.03 -9.16 -13.11
CA ALA A 38 14.01 -10.23 -12.90
C ALA A 38 13.39 -11.62 -12.88
N GLU A 39 12.06 -11.65 -12.73
CA GLU A 39 11.29 -12.91 -12.70
C GLU A 39 10.62 -13.18 -14.06
N ARG A 40 11.10 -12.54 -15.13
CA ARG A 40 10.50 -12.75 -16.46
C ARG A 40 10.45 -14.22 -16.86
N GLU A 41 11.57 -14.91 -16.67
CA GLU A 41 11.63 -16.29 -17.16
C GLU A 41 10.69 -17.20 -16.39
N VAL A 42 10.60 -16.99 -15.08
CA VAL A 42 9.62 -17.69 -14.24
C VAL A 42 8.20 -17.38 -14.76
N SER A 43 7.93 -16.09 -15.01
CA SER A 43 6.60 -15.70 -15.50
C SER A 43 6.21 -16.29 -16.85
N LEU A 44 7.18 -16.37 -17.75
CA LEU A 44 6.89 -16.99 -19.04
C LEU A 44 6.44 -18.45 -18.79
N ASN A 45 7.08 -19.13 -17.84
CA ASN A 45 6.69 -20.50 -17.51
C ASN A 45 5.36 -20.57 -16.77
N SER A 46 5.15 -19.67 -15.81
CA SER A 46 3.84 -19.61 -15.16
C SER A 46 2.69 -19.40 -16.17
N GLY A 47 2.87 -18.39 -17.06
CA GLY A 47 1.84 -18.09 -18.04
C GLY A 47 1.59 -19.21 -19.03
N ALA A 48 2.66 -19.92 -19.43
CA ALA A 48 2.48 -21.06 -20.30
C ALA A 48 1.62 -22.13 -19.63
N ALA A 49 1.87 -22.42 -18.35
CA ALA A 49 1.04 -23.39 -17.65
C ALA A 49 -0.41 -22.91 -17.51
N VAL A 50 -0.58 -21.65 -17.07
CA VAL A 50 -1.92 -21.07 -16.90
C VAL A 50 -2.71 -21.11 -18.20
N LEU A 51 -2.10 -20.70 -19.33
CA LEU A 51 -2.76 -20.71 -20.64
C LEU A 51 -3.36 -22.10 -20.95
N ALA A 52 -2.53 -23.15 -20.81
CA ALA A 52 -2.98 -24.50 -21.11
C ALA A 52 -4.08 -24.94 -20.15
N GLY A 53 -3.92 -24.68 -18.86
CA GLY A 53 -4.95 -25.02 -17.87
C GLY A 53 -6.27 -24.33 -18.18
N LEU A 54 -6.21 -23.06 -18.59
CA LEU A 54 -7.47 -22.34 -18.93
C LEU A 54 -8.15 -22.93 -20.16
N ARG A 55 -7.38 -23.17 -21.21
CA ARG A 55 -7.93 -23.74 -22.45
C ARG A 55 -8.48 -25.15 -22.25
N GLU A 56 -7.81 -25.98 -21.45
CA GLU A 56 -8.34 -27.32 -21.08
C GLU A 56 -9.65 -27.16 -20.32
N GLY A 57 -9.80 -26.04 -19.62
CA GLY A 57 -11.01 -25.76 -18.84
C GLY A 57 -12.12 -25.11 -19.62
N GLY A 58 -11.93 -24.99 -20.93
CA GLY A 58 -12.95 -24.43 -21.81
C GLY A 58 -12.95 -22.92 -21.94
N ILE A 59 -11.89 -22.28 -21.43
CA ILE A 59 -11.76 -20.80 -21.46
C ILE A 59 -10.97 -20.35 -22.67
N ASP A 60 -11.49 -19.34 -23.36
CA ASP A 60 -10.84 -18.85 -24.59
C ASP A 60 -9.74 -17.87 -24.20
N ALA A 61 -8.59 -18.42 -23.87
CA ALA A 61 -7.49 -17.64 -23.31
C ALA A 61 -6.37 -17.49 -24.34
N TYR A 62 -5.67 -16.37 -24.26
CA TYR A 62 -4.56 -16.07 -25.19
C TYR A 62 -3.40 -15.47 -24.41
N PRO A 63 -2.16 -15.81 -24.81
CA PRO A 63 -1.00 -15.26 -24.09
C PRO A 63 -0.69 -13.88 -24.59
N VAL A 64 -0.39 -12.94 -23.69
CA VAL A 64 -0.04 -11.56 -24.03
C VAL A 64 1.15 -11.14 -23.16
N ASP A 65 2.27 -10.81 -23.80
CA ASP A 65 3.49 -10.42 -23.08
C ASP A 65 3.64 -8.91 -23.11
N PRO A 66 3.57 -8.23 -21.95
CA PRO A 66 3.67 -6.74 -21.95
C PRO A 66 5.00 -6.20 -22.43
N LYS A 67 6.01 -7.06 -22.58
CA LYS A 67 7.28 -6.64 -23.18
C LYS A 67 7.07 -6.36 -24.67
N GLU A 68 6.13 -7.07 -25.30
CA GLU A 68 5.89 -7.05 -26.75
C GLU A 68 4.64 -6.25 -27.13
N VAL A 69 3.68 -6.16 -26.19
CA VAL A 69 2.33 -5.64 -26.42
C VAL A 69 2.07 -4.53 -25.41
N ASP A 70 1.61 -3.39 -25.92
CA ASP A 70 1.18 -2.29 -25.08
C ASP A 70 -0.06 -2.68 -24.27
N VAL A 71 0.12 -2.98 -22.98
CA VAL A 71 -1.00 -3.44 -22.12
C VAL A 71 -2.11 -2.43 -21.98
N THR A 72 -1.85 -1.16 -22.23
CA THR A 72 -2.95 -0.19 -22.23
C THR A 72 -3.96 -0.44 -23.35
N GLN A 73 -3.62 -1.33 -24.27
CA GLN A 73 -4.46 -1.61 -25.44
C GLN A 73 -5.36 -2.85 -25.28
N LEU A 74 -5.35 -3.49 -24.11
CA LEU A 74 -6.05 -4.77 -23.97
C LEU A 74 -7.54 -4.75 -24.29
N LYS A 75 -8.23 -3.72 -23.81
CA LYS A 75 -9.66 -3.61 -24.07
C LYS A 75 -9.89 -3.35 -25.56
N SER A 76 -9.07 -2.47 -26.13
CA SER A 76 -9.11 -2.20 -27.57
C SER A 76 -8.88 -3.45 -28.41
N MET A 77 -8.05 -4.36 -27.89
CA MET A 77 -7.71 -5.61 -28.59
C MET A 77 -8.81 -6.69 -28.51
N GLY A 78 -9.85 -6.41 -27.72
CA GLY A 78 -11.02 -7.28 -27.63
C GLY A 78 -11.09 -8.22 -26.43
N PHE A 79 -10.21 -8.01 -25.46
CA PHE A 79 -10.20 -8.86 -24.25
C PHE A 79 -11.27 -8.42 -23.26
N GLN A 80 -11.88 -9.40 -22.57
CA GLN A 80 -12.90 -9.15 -21.54
C GLN A 80 -12.40 -9.21 -20.09
N LYS A 81 -11.40 -10.06 -19.81
CA LYS A 81 -10.88 -10.27 -18.46
C LYS A 81 -9.41 -10.61 -18.62
N VAL A 82 -8.67 -10.46 -17.51
CA VAL A 82 -7.25 -10.63 -17.53
C VAL A 82 -6.83 -11.58 -16.41
N PHE A 83 -6.05 -12.59 -16.77
CA PHE A 83 -5.38 -13.46 -15.79
C PHE A 83 -3.95 -12.99 -15.68
N ILE A 84 -3.60 -12.47 -14.50
CA ILE A 84 -2.24 -11.94 -14.26
C ILE A 84 -1.34 -13.08 -13.87
N ALA A 85 -0.39 -13.40 -14.74
CA ALA A 85 0.64 -14.42 -14.47
C ALA A 85 2.03 -13.79 -14.51
N LEU A 86 2.07 -12.49 -14.23
CA LEU A 86 3.31 -11.73 -14.10
C LEU A 86 3.84 -11.80 -12.69
N HIS A 87 5.15 -11.67 -12.56
CA HIS A 87 5.79 -11.66 -11.24
C HIS A 87 6.75 -10.50 -11.11
N GLY A 88 6.70 -9.85 -9.96
CA GLY A 88 7.57 -8.71 -9.67
C GLY A 88 6.91 -7.39 -9.87
N ARG A 89 7.69 -6.34 -9.68
CA ARG A 89 7.22 -4.98 -9.85
C ARG A 89 6.68 -4.75 -11.27
N GLY A 90 5.65 -3.91 -11.43
CA GLY A 90 5.02 -3.70 -12.76
C GLY A 90 3.98 -4.75 -13.25
N GLY A 91 3.91 -5.88 -12.57
CA GLY A 91 2.79 -6.82 -12.73
C GLY A 91 2.13 -7.18 -11.40
N GLU A 92 2.90 -7.11 -10.32
CA GLU A 92 2.46 -7.58 -9.06
C GLU A 92 2.36 -6.49 -7.98
N ASP A 93 2.70 -5.23 -8.29
CA ASP A 93 2.87 -4.21 -7.23
C ASP A 93 1.83 -3.12 -7.23
N GLY A 94 0.71 -3.39 -7.89
CA GLY A 94 -0.43 -2.46 -7.84
C GLY A 94 -0.52 -1.55 -9.06
N THR A 95 0.59 -1.37 -9.78
CA THR A 95 0.64 -0.46 -10.92
C THR A 95 -0.30 -0.96 -12.07
N LEU A 96 -0.10 -2.22 -12.45
CA LEU A 96 -0.91 -2.79 -13.50
C LEU A 96 -2.37 -2.88 -13.04
N GLN A 97 -2.58 -3.25 -11.77
CA GLN A 97 -3.94 -3.33 -11.23
C GLN A 97 -4.68 -2.00 -11.36
N GLY A 98 -3.97 -0.90 -11.09
CA GLY A 98 -4.57 0.42 -11.24
C GLY A 98 -4.99 0.70 -12.67
N MET A 99 -4.11 0.36 -13.61
CA MET A 99 -4.44 0.52 -15.02
C MET A 99 -5.69 -0.30 -15.39
N LEU A 100 -5.75 -1.54 -14.90
CA LEU A 100 -6.87 -2.39 -15.32
C LEU A 100 -8.17 -1.91 -14.70
N GLU A 101 -8.10 -1.42 -13.46
CA GLU A 101 -9.27 -0.84 -12.79
C GLU A 101 -9.84 0.29 -13.60
N LEU A 102 -8.99 1.19 -14.11
CA LEU A 102 -9.49 2.35 -14.87
C LEU A 102 -9.88 1.99 -16.31
N MET A 103 -9.30 0.92 -16.82
CA MET A 103 -9.72 0.42 -18.11
C MET A 103 -11.06 -0.32 -18.04
N GLY A 104 -11.38 -0.82 -16.86
CA GLY A 104 -12.66 -1.50 -16.61
C GLY A 104 -12.65 -2.98 -16.91
N LEU A 105 -11.46 -3.59 -16.91
CA LEU A 105 -11.33 -5.02 -17.14
C LEU A 105 -11.17 -5.74 -15.81
N PRO A 106 -12.03 -6.75 -15.55
CA PRO A 106 -11.78 -7.61 -14.39
C PRO A 106 -10.45 -8.34 -14.50
N TYR A 107 -9.81 -8.56 -13.36
CA TYR A 107 -8.48 -9.18 -13.35
C TYR A 107 -8.36 -10.04 -12.10
N THR A 108 -7.47 -11.01 -12.16
CA THR A 108 -7.29 -11.93 -11.07
C THR A 108 -6.42 -11.34 -9.94
N GLY A 109 -6.57 -11.91 -8.73
CA GLY A 109 -5.76 -11.52 -7.56
C GLY A 109 -6.10 -10.21 -6.88
N SER A 110 -5.14 -9.76 -6.06
CA SER A 110 -5.35 -8.63 -5.15
C SER A 110 -5.44 -7.30 -5.85
N GLY A 111 -6.12 -6.35 -5.19
CA GLY A 111 -6.25 -4.99 -5.67
C GLY A 111 -4.98 -4.16 -5.53
N VAL A 112 -5.12 -2.87 -5.83
CA VAL A 112 -3.97 -2.00 -5.91
C VAL A 112 -3.21 -1.94 -4.59
N MET A 113 -3.91 -1.67 -3.49
CA MET A 113 -3.22 -1.51 -2.20
C MET A 113 -2.51 -2.80 -1.76
N ALA A 114 -3.26 -3.91 -1.72
CA ALA A 114 -2.69 -5.13 -1.21
C ALA A 114 -1.57 -5.64 -2.09
N SER A 115 -1.66 -5.44 -3.42
CA SER A 115 -0.55 -5.85 -4.31
C SER A 115 0.67 -4.98 -3.98
N ALA A 116 0.47 -3.66 -3.87
CA ALA A 116 1.64 -2.80 -3.61
C ALA A 116 2.28 -3.15 -2.26
N LEU A 117 1.47 -3.39 -1.26
CA LEU A 117 1.98 -3.67 0.07
C LEU A 117 2.69 -5.01 0.13
N SER A 118 2.13 -6.02 -0.51
CA SER A 118 2.70 -7.38 -0.52
C SER A 118 4.06 -7.41 -1.26
N MET A 119 4.24 -6.50 -2.21
CA MET A 119 5.50 -6.45 -2.91
C MET A 119 6.57 -5.80 -2.01
N ASP A 120 6.13 -4.93 -1.12
CA ASP A 120 7.04 -4.14 -0.29
C ASP A 120 7.28 -4.88 1.04
N LYS A 121 8.33 -5.69 1.10
CA LYS A 121 8.54 -6.51 2.30
C LYS A 121 8.78 -5.64 3.51
N LEU A 122 9.41 -4.48 3.35
CA LEU A 122 9.63 -3.60 4.50
C LEU A 122 8.30 -3.12 5.10
N ARG A 123 7.38 -2.72 4.23
CA ARG A 123 6.13 -2.18 4.72
C ARG A 123 5.17 -3.30 5.13
N SER A 124 5.28 -4.47 4.51
CA SER A 124 4.51 -5.63 5.04
C SER A 124 4.94 -5.96 6.45
N LYS A 125 6.25 -5.97 6.68
CA LYS A 125 6.75 -6.27 8.01
C LYS A 125 6.27 -5.24 9.04
N LEU A 126 6.31 -3.95 8.69
CA LEU A 126 5.84 -2.93 9.61
C LEU A 126 4.36 -3.09 9.92
N LEU A 127 3.57 -3.38 8.87
CA LEU A 127 2.15 -3.59 9.02
C LEU A 127 1.89 -4.77 9.96
N TRP A 128 2.55 -5.88 9.67
CA TRP A 128 2.36 -7.06 10.46
C TRP A 128 2.80 -6.86 11.91
N GLN A 129 3.96 -6.23 12.12
CA GLN A 129 4.41 -5.92 13.50
C GLN A 129 3.40 -5.02 14.21
N GLY A 130 2.90 -4.01 13.49
CA GLY A 130 1.87 -3.11 14.04
C GLY A 130 0.63 -3.85 14.47
N ALA A 131 0.31 -4.93 13.75
CA ALA A 131 -0.83 -5.79 14.06
C ALA A 131 -0.55 -6.88 15.10
N GLY A 132 0.66 -6.92 15.65
CA GLY A 132 1.00 -7.89 16.71
C GLY A 132 1.39 -9.24 16.12
N LEU A 133 1.69 -9.34 14.82
CA LEU A 133 1.99 -10.62 14.21
C LEU A 133 3.50 -10.88 14.23
N PRO A 134 3.93 -12.16 14.19
CA PRO A 134 5.36 -12.49 14.37
C PRO A 134 6.19 -12.28 13.10
N VAL A 135 7.23 -11.45 13.22
CA VAL A 135 8.17 -11.19 12.13
C VAL A 135 9.62 -11.29 12.69
N ALA A 136 10.55 -11.76 11.85
CA ALA A 136 11.98 -11.83 12.24
C ALA A 136 12.50 -10.43 12.59
N PRO A 137 13.32 -10.33 13.64
CA PRO A 137 14.04 -9.08 13.86
C PRO A 137 14.78 -8.62 12.60
N TRP A 138 14.80 -7.31 12.37
CA TRP A 138 15.36 -6.80 11.13
C TRP A 138 15.82 -5.36 11.27
N VAL A 139 16.63 -4.97 10.26
CA VAL A 139 17.06 -3.58 10.06
C VAL A 139 16.82 -3.24 8.59
N ALA A 140 16.27 -2.06 8.31
CA ALA A 140 16.08 -1.59 6.94
C ALA A 140 17.11 -0.53 6.64
N LEU A 141 17.65 -0.54 5.44
CA LEU A 141 18.62 0.43 5.01
C LEU A 141 18.24 0.96 3.64
N THR A 142 18.57 2.21 3.39
CA THR A 142 18.44 2.76 2.03
C THR A 142 19.79 2.84 1.31
N ARG A 143 19.71 2.88 -0.01
CA ARG A 143 20.95 2.89 -0.80
C ARG A 143 21.75 4.15 -0.56
N ALA A 144 21.06 5.29 -0.42
CA ALA A 144 21.74 6.57 -0.14
C ALA A 144 22.53 6.48 1.16
N GLU A 145 21.98 5.83 2.19
CA GLU A 145 22.68 5.64 3.49
C GLU A 145 23.93 4.77 3.30
N PHE A 146 23.77 3.69 2.56
CA PHE A 146 24.87 2.78 2.29
C PHE A 146 26.03 3.44 1.53
N GLU A 147 25.68 4.31 0.56
CA GLU A 147 26.67 5.04 -0.26
C GLU A 147 27.51 5.99 0.59
N LYS A 148 26.90 6.60 1.61
CA LYS A 148 27.58 7.60 2.46
C LYS A 148 28.38 7.00 3.63
N GLY A 149 27.90 5.86 4.16
CA GLY A 149 28.40 5.26 5.39
C GLY A 149 27.29 5.24 6.41
N LEU A 150 27.10 4.09 7.05
CA LEU A 150 26.01 3.95 8.00
C LEU A 150 26.28 4.68 9.32
N SER A 151 25.18 5.08 9.98
CA SER A 151 25.27 5.73 11.28
C SER A 151 25.68 4.74 12.38
N ASP A 152 26.18 5.26 13.50
CA ASP A 152 26.50 4.40 14.64
C ASP A 152 25.24 3.68 15.11
N LYS A 153 24.11 4.37 15.10
CA LYS A 153 22.84 3.75 15.50
C LYS A 153 22.50 2.54 14.61
N GLN A 154 22.67 2.69 13.31
CA GLN A 154 22.38 1.61 12.38
C GLN A 154 23.38 0.47 12.56
N LEU A 155 24.65 0.80 12.76
CA LEU A 155 25.64 -0.25 13.00
C LEU A 155 25.32 -1.06 14.26
N ALA A 156 24.89 -0.36 15.31
CA ALA A 156 24.52 -1.01 16.56
C ALA A 156 23.29 -1.89 16.37
N GLU A 157 22.32 -1.42 15.56
CA GLU A 157 21.12 -2.23 15.30
C GLU A 157 21.45 -3.50 14.51
N ILE A 158 22.37 -3.39 13.55
CA ILE A 158 22.81 -4.56 12.77
C ILE A 158 23.54 -5.57 13.67
N SER A 159 24.46 -5.07 14.50
CA SER A 159 25.13 -5.93 15.49
C SER A 159 24.17 -6.70 16.39
N ALA A 160 23.09 -6.05 16.81
CA ALA A 160 22.14 -6.67 17.70
C ALA A 160 21.36 -7.80 17.06
N LEU A 161 21.36 -7.89 15.73
CA LEU A 161 20.74 -9.04 15.08
C LEU A 161 21.54 -10.30 15.27
N GLY A 162 22.82 -10.15 15.58
CA GLY A 162 23.72 -11.31 15.66
C GLY A 162 24.05 -11.85 14.28
N LEU A 163 24.70 -12.99 14.24
CA LEU A 163 24.98 -13.67 12.98
C LEU A 163 24.64 -15.14 13.12
N PRO A 164 24.27 -15.82 12.02
CA PRO A 164 24.13 -15.24 10.67
C PRO A 164 22.90 -14.35 10.46
N VAL A 165 22.92 -13.65 9.34
CA VAL A 165 21.75 -12.90 8.88
C VAL A 165 21.51 -13.20 7.40
N ILE A 166 20.29 -12.93 6.97
CA ILE A 166 19.98 -12.91 5.55
C ILE A 166 19.81 -11.44 5.11
N VAL A 167 20.24 -11.15 3.89
CA VAL A 167 20.06 -9.85 3.26
C VAL A 167 19.16 -10.01 2.06
N LYS A 168 18.16 -9.13 1.92
CA LYS A 168 17.27 -9.22 0.77
C LYS A 168 16.86 -7.85 0.30
N PRO A 169 16.65 -7.68 -1.01
CA PRO A 169 15.96 -6.47 -1.47
C PRO A 169 14.56 -6.44 -0.85
N SER A 170 14.00 -5.24 -0.70
CA SER A 170 12.63 -5.18 -0.22
C SER A 170 11.60 -5.72 -1.24
N ARG A 171 11.82 -5.39 -2.49
CA ARG A 171 10.76 -5.54 -3.51
C ARG A 171 11.04 -6.52 -4.66
N GLU A 172 11.69 -7.63 -4.34
CA GLU A 172 11.97 -8.65 -5.33
C GLU A 172 11.14 -9.91 -5.09
N GLY A 173 11.47 -10.94 -5.86
CA GLY A 173 10.86 -12.27 -5.70
C GLY A 173 11.86 -13.30 -6.15
N SER A 174 11.48 -14.57 -6.02
CA SER A 174 12.30 -15.67 -6.59
C SER A 174 13.72 -15.74 -5.99
N SER A 175 13.87 -15.20 -4.78
CA SER A 175 15.15 -15.15 -4.03
C SER A 175 16.21 -14.32 -4.75
N VAL A 176 15.77 -13.42 -5.62
CA VAL A 176 16.71 -12.58 -6.40
C VAL A 176 17.36 -11.59 -5.44
N GLY A 177 18.68 -11.48 -5.56
CA GLY A 177 19.44 -10.50 -4.76
C GLY A 177 19.74 -10.85 -3.35
N MET A 178 19.44 -12.09 -2.94
CA MET A 178 19.51 -12.50 -1.53
C MET A 178 20.78 -13.27 -1.24
N SER A 179 21.29 -13.07 -0.03
CA SER A 179 22.38 -13.92 0.42
C SER A 179 22.45 -14.07 1.94
N LYS A 180 23.05 -15.15 2.37
CA LYS A 180 23.33 -15.40 3.78
C LYS A 180 24.71 -14.86 4.12
N VAL A 181 24.77 -14.18 5.25
CA VAL A 181 26.03 -13.63 5.77
C VAL A 181 26.37 -14.32 7.06
N VAL A 182 27.53 -14.97 7.08
CA VAL A 182 28.04 -15.65 8.27
C VAL A 182 29.22 -14.94 8.96
N ALA A 183 29.80 -13.93 8.29
CA ALA A 183 30.95 -13.18 8.85
C ALA A 183 30.71 -11.69 8.64
N GLU A 184 31.06 -10.89 9.66
CA GLU A 184 30.88 -9.41 9.64
C GLU A 184 31.49 -8.77 8.41
N ASN A 185 32.66 -9.25 8.01
CA ASN A 185 33.34 -8.61 6.89
C ASN A 185 32.68 -8.88 5.53
N ALA A 186 31.75 -9.84 5.47
CA ALA A 186 31.04 -10.11 4.22
C ALA A 186 29.69 -9.39 4.09
N LEU A 187 29.26 -8.71 5.16
CA LEU A 187 27.99 -7.96 5.10
C LEU A 187 27.98 -6.91 3.97
N GLN A 188 29.07 -6.16 3.81
CA GLN A 188 29.11 -5.12 2.79
C GLN A 188 28.82 -5.63 1.38
N ASP A 189 29.41 -6.75 1.00
CA ASP A 189 29.14 -7.33 -0.32
C ASP A 189 27.72 -7.86 -0.46
N ALA A 190 27.15 -8.40 0.62
CA ALA A 190 25.74 -8.81 0.57
C ALA A 190 24.81 -7.61 0.37
N LEU A 191 25.10 -6.51 1.08
CA LEU A 191 24.34 -5.28 0.92
C LEU A 191 24.51 -4.75 -0.52
N ARG A 192 25.75 -4.75 -1.01
CA ARG A 192 25.97 -4.23 -2.36
C ARG A 192 25.15 -5.04 -3.37
N LEU A 193 25.12 -6.35 -3.22
CA LEU A 193 24.30 -7.16 -4.12
C LEU A 193 22.82 -6.79 -4.06
N ALA A 194 22.29 -6.72 -2.85
CA ALA A 194 20.86 -6.46 -2.73
C ALA A 194 20.49 -5.08 -3.27
N PHE A 195 21.39 -4.10 -3.09
CA PHE A 195 21.16 -2.76 -3.61
C PHE A 195 21.23 -2.63 -5.12
N GLN A 196 21.68 -3.70 -5.81
CA GLN A 196 21.53 -3.75 -7.27
C GLN A 196 20.08 -3.89 -7.64
N HIS A 197 19.26 -4.41 -6.74
CA HIS A 197 17.89 -4.76 -7.06
C HIS A 197 16.83 -3.83 -6.48
N ASP A 198 17.17 -3.07 -5.45
CA ASP A 198 16.20 -2.16 -4.86
C ASP A 198 17.00 -1.11 -4.11
N GLU A 199 16.39 0.05 -3.93
CA GLU A 199 16.96 1.12 -3.14
C GLU A 199 16.69 0.93 -1.65
N GLU A 200 15.82 -0.02 -1.32
CA GLU A 200 15.56 -0.38 0.09
C GLU A 200 15.83 -1.84 0.30
N VAL A 201 16.59 -2.12 1.34
CA VAL A 201 17.10 -3.47 1.61
C VAL A 201 16.83 -3.82 3.06
N LEU A 202 16.60 -5.11 3.31
CA LEU A 202 16.37 -5.64 4.66
C LEU A 202 17.52 -6.56 5.06
N ILE A 203 18.00 -6.39 6.30
CA ILE A 203 18.89 -7.36 6.94
C ILE A 203 18.02 -7.99 8.00
N GLU A 204 17.89 -9.31 7.97
CA GLU A 204 17.03 -10.05 8.92
C GLU A 204 17.75 -11.10 9.68
N LYS A 205 17.36 -11.31 10.94
CA LYS A 205 17.87 -12.44 11.69
C LYS A 205 17.69 -13.74 10.88
N TRP A 206 18.74 -14.57 10.88
CA TRP A 206 18.63 -15.87 10.22
C TRP A 206 17.70 -16.78 11.02
N LEU A 207 16.69 -17.32 10.35
CA LEU A 207 15.71 -18.22 10.99
C LEU A 207 16.15 -19.66 10.74
N SER A 208 15.99 -20.52 11.74
CA SER A 208 16.48 -21.91 11.69
C SER A 208 15.70 -22.76 10.71
N GLY A 209 14.45 -22.41 10.44
CA GLY A 209 13.54 -23.34 9.75
C GLY A 209 13.06 -24.43 10.68
N PRO A 210 12.27 -25.37 10.17
CA PRO A 210 11.92 -25.53 8.77
C PRO A 210 11.06 -24.44 8.16
N GLU A 211 10.96 -24.53 6.85
CA GLU A 211 10.29 -23.55 6.01
C GLU A 211 8.98 -24.07 5.48
N PHE A 212 7.97 -23.20 5.44
CA PHE A 212 6.62 -23.57 4.98
C PHE A 212 6.09 -22.53 4.00
N THR A 213 5.05 -22.94 3.28
CA THR A 213 4.29 -21.99 2.52
C THR A 213 2.82 -22.38 2.56
N VAL A 214 1.93 -21.40 2.55
CA VAL A 214 0.49 -21.67 2.58
C VAL A 214 -0.19 -20.85 1.50
N ALA A 215 -0.95 -21.54 0.62
CA ALA A 215 -1.70 -20.93 -0.50
C ALA A 215 -3.11 -20.67 -0.04
N ILE A 216 -3.65 -19.55 -0.52
CA ILE A 216 -5.04 -19.12 -0.28
C ILE A 216 -5.72 -19.06 -1.64
N LEU A 217 -6.95 -19.58 -1.70
CA LEU A 217 -7.76 -19.54 -2.91
C LEU A 217 -9.16 -19.15 -2.52
N GLY A 218 -9.52 -17.90 -2.79
CA GLY A 218 -10.80 -17.37 -2.32
C GLY A 218 -10.83 -17.42 -0.80
N GLU A 219 -11.83 -18.12 -0.27
CA GLU A 219 -11.97 -18.28 1.17
C GLU A 219 -11.30 -19.55 1.71
N GLU A 220 -10.68 -20.32 0.82
CA GLU A 220 -10.14 -21.63 1.19
C GLU A 220 -8.63 -21.50 1.47
N ILE A 221 -8.17 -22.01 2.60
CA ILE A 221 -6.75 -22.11 2.88
C ILE A 221 -6.39 -23.50 2.43
N LEU A 222 -5.45 -23.59 1.49
CA LEU A 222 -5.10 -24.90 0.93
C LEU A 222 -4.15 -25.69 1.84
N PRO A 223 -3.98 -27.01 1.60
CA PRO A 223 -3.04 -27.75 2.41
C PRO A 223 -1.63 -27.15 2.44
N SER A 224 -1.05 -27.08 3.64
CA SER A 224 0.28 -26.47 3.86
C SER A 224 1.40 -27.29 3.17
N ILE A 225 2.51 -26.62 2.84
CA ILE A 225 3.69 -27.28 2.27
C ILE A 225 4.90 -26.97 3.12
N ARG A 226 5.65 -28.01 3.44
CA ARG A 226 7.00 -27.85 4.00
C ARG A 226 8.04 -28.00 2.88
N ILE A 227 8.99 -27.06 2.82
CA ILE A 227 9.98 -27.01 1.75
C ILE A 227 11.35 -27.27 2.33
N GLN A 228 12.09 -28.22 1.76
CA GLN A 228 13.42 -28.57 2.27
C GLN A 228 14.46 -28.44 1.16
N PRO A 229 15.09 -27.27 1.04
CA PRO A 229 16.14 -27.12 0.03
C PRO A 229 17.35 -27.97 0.42
N SER A 230 18.18 -28.28 -0.55
CA SER A 230 19.36 -29.10 -0.29
C SER A 230 20.51 -28.26 0.25
N GLY A 231 20.46 -26.96 -0.02
CA GLY A 231 21.50 -26.05 0.42
C GLY A 231 21.11 -25.13 1.54
N THR A 232 21.74 -23.97 1.54
CA THR A 232 21.61 -23.00 2.56
C THR A 232 20.19 -22.37 2.70
N PHE A 233 19.57 -22.07 1.56
CA PHE A 233 18.23 -21.54 1.61
C PHE A 233 17.55 -21.86 0.30
N TYR A 234 16.28 -21.48 0.19
CA TYR A 234 15.46 -21.81 -0.99
C TYR A 234 15.75 -20.71 -2.03
N ASP A 235 16.90 -20.88 -2.68
CA ASP A 235 17.43 -19.88 -3.63
C ASP A 235 16.82 -20.08 -5.01
N TYR A 236 17.23 -19.27 -5.98
CA TYR A 236 16.61 -19.37 -7.32
C TYR A 236 16.78 -20.75 -7.92
N GLU A 237 17.99 -21.33 -7.84
CA GLU A 237 18.18 -22.68 -8.37
C GLU A 237 17.32 -23.72 -7.64
N ALA A 238 17.24 -23.64 -6.32
CA ALA A 238 16.41 -24.58 -5.54
C ALA A 238 14.92 -24.46 -5.91
N LYS A 239 14.52 -23.25 -6.29
CA LYS A 239 13.10 -22.98 -6.62
C LYS A 239 12.76 -23.57 -8.00
N TYR A 240 13.63 -23.34 -8.99
CA TYR A 240 13.20 -23.53 -10.38
C TYR A 240 13.96 -24.53 -11.19
N LEU A 241 15.12 -24.96 -10.69
CA LEU A 241 16.09 -25.68 -11.54
C LEU A 241 16.78 -26.85 -10.87
N SER A 242 16.23 -27.32 -9.75
CA SER A 242 16.85 -28.39 -9.00
C SER A 242 15.88 -29.55 -8.82
N ASP A 243 16.41 -30.76 -8.96
CA ASP A 243 15.69 -31.96 -8.59
C ASP A 243 16.00 -32.40 -7.16
N GLU A 244 16.80 -31.62 -6.44
CA GLU A 244 17.19 -31.96 -5.06
C GLU A 244 16.22 -31.38 -3.99
N THR A 245 15.49 -30.31 -4.31
CA THR A 245 14.58 -29.77 -3.30
C THR A 245 13.49 -30.80 -2.98
N GLN A 246 13.17 -30.91 -1.70
CA GLN A 246 12.07 -31.80 -1.27
C GLN A 246 10.88 -30.99 -0.77
N TYR A 247 9.68 -31.54 -0.97
CA TYR A 247 8.42 -30.87 -0.59
C TYR A 247 7.55 -31.87 0.13
N PHE A 248 6.85 -31.43 1.15
CA PHE A 248 5.92 -32.28 1.92
C PHE A 248 4.60 -31.58 1.98
N CYS A 249 3.53 -32.22 1.45
CA CYS A 249 2.20 -31.62 1.49
C CYS A 249 1.14 -32.67 1.85
N PRO A 250 0.42 -32.50 3.01
CA PRO A 250 0.59 -31.41 3.96
C PRO A 250 1.95 -31.43 4.65
N ALA A 251 2.19 -30.37 5.38
CA ALA A 251 3.52 -30.11 5.95
C ALA A 251 3.99 -31.17 6.97
N GLY A 252 3.06 -31.97 7.52
CA GLY A 252 3.45 -33.00 8.48
C GLY A 252 3.52 -32.49 9.90
N LEU A 253 2.85 -31.37 10.15
CA LEU A 253 2.79 -30.81 11.49
C LEU A 253 1.77 -31.57 12.33
N GLU A 254 1.96 -31.54 13.64
CA GLU A 254 0.88 -31.93 14.56
C GLU A 254 -0.37 -31.07 14.27
N ALA A 255 -1.56 -31.63 14.52
CA ALA A 255 -2.83 -30.93 14.28
C ALA A 255 -2.89 -29.52 14.88
N SER A 256 -2.42 -29.37 16.11
CA SER A 256 -2.49 -28.06 16.77
C SER A 256 -1.57 -27.03 16.07
N GLN A 257 -0.41 -27.49 15.61
CA GLN A 257 0.56 -26.61 14.92
C GLN A 257 0.10 -26.27 13.52
N GLU A 258 -0.47 -27.23 12.81
CA GLU A 258 -1.12 -26.95 11.53
C GLU A 258 -2.23 -25.91 11.71
N ALA A 259 -3.06 -26.06 12.74
CA ALA A 259 -4.09 -25.05 13.02
C ALA A 259 -3.51 -23.66 13.29
N ASN A 260 -2.43 -23.62 14.06
CA ASN A 260 -1.70 -22.39 14.39
C ASN A 260 -1.19 -21.75 13.08
N LEU A 261 -0.53 -22.54 12.23
CA LEU A 261 -0.02 -22.04 10.95
C LEU A 261 -1.15 -21.43 10.08
N GLN A 262 -2.27 -22.16 9.95
CA GLN A 262 -3.39 -21.67 9.16
C GLN A 262 -3.95 -20.36 9.74
N ALA A 263 -4.10 -20.30 11.06
CA ALA A 263 -4.66 -19.09 11.68
C ALA A 263 -3.74 -17.90 11.48
N LEU A 264 -2.43 -18.12 11.58
CA LEU A 264 -1.46 -17.05 11.41
C LEU A 264 -1.50 -16.55 9.96
N VAL A 265 -1.54 -17.46 9.00
CA VAL A 265 -1.56 -17.08 7.59
C VAL A 265 -2.85 -16.30 7.28
N LEU A 266 -3.99 -16.74 7.80
CA LEU A 266 -5.24 -16.06 7.52
C LEU A 266 -5.20 -14.65 8.08
N LYS A 267 -4.64 -14.45 9.27
CA LYS A 267 -4.57 -13.11 9.85
C LYS A 267 -3.60 -12.25 9.04
N ALA A 268 -2.49 -12.82 8.64
CA ALA A 268 -1.56 -12.05 7.82
C ALA A 268 -2.18 -11.60 6.51
N TRP A 269 -2.92 -12.52 5.85
CA TRP A 269 -3.62 -12.27 4.61
C TRP A 269 -4.65 -11.16 4.79
N THR A 270 -5.45 -11.25 5.84
CA THR A 270 -6.51 -10.24 6.01
C THR A 270 -5.92 -8.90 6.43
N THR A 271 -4.83 -8.92 7.22
CA THR A 271 -4.20 -7.65 7.61
C THR A 271 -3.68 -6.89 6.38
N LEU A 272 -3.09 -7.61 5.41
CA LEU A 272 -2.67 -6.96 4.15
C LEU A 272 -3.79 -6.50 3.23
N GLY A 273 -4.97 -7.13 3.34
CA GLY A 273 -6.11 -6.80 2.49
C GLY A 273 -6.12 -7.57 1.19
N CYS A 274 -5.41 -8.69 1.11
CA CYS A 274 -5.30 -9.45 -0.12
C CYS A 274 -6.59 -10.08 -0.49
N LYS A 275 -6.76 -10.37 -1.77
CA LYS A 275 -7.96 -11.05 -2.24
C LYS A 275 -7.69 -11.96 -3.42
N GLY A 276 -8.59 -12.91 -3.65
CA GLY A 276 -8.51 -13.74 -4.85
C GLY A 276 -7.71 -15.00 -4.60
N TRP A 277 -6.38 -14.85 -4.61
CA TRP A 277 -5.49 -15.95 -4.35
C TRP A 277 -4.11 -15.43 -4.04
N GLY A 278 -3.27 -16.26 -3.48
CA GLY A 278 -1.92 -15.85 -3.14
C GLY A 278 -1.22 -16.90 -2.30
N ARG A 279 -0.02 -16.57 -1.83
CA ARG A 279 0.73 -17.53 -1.08
C ARG A 279 1.61 -16.84 -0.08
N ILE A 280 1.60 -17.28 1.17
CA ILE A 280 2.38 -16.64 2.24
C ILE A 280 3.48 -17.59 2.68
N ASP A 281 4.69 -17.05 2.81
CA ASP A 281 5.87 -17.85 3.16
C ASP A 281 6.16 -17.64 4.63
N VAL A 282 6.44 -18.73 5.35
CA VAL A 282 6.53 -18.73 6.82
C VAL A 282 7.71 -19.62 7.22
N MET A 283 8.46 -19.26 8.26
CA MET A 283 9.47 -20.21 8.76
C MET A 283 9.37 -20.38 10.25
N LEU A 284 9.65 -21.58 10.74
CA LEU A 284 9.94 -21.78 12.16
C LEU A 284 11.30 -21.18 12.51
N ASP A 285 11.47 -20.69 13.74
CA ASP A 285 12.79 -20.35 14.24
C ASP A 285 13.14 -21.28 15.39
N SER A 286 14.34 -21.11 15.94
CA SER A 286 14.82 -22.01 16.98
C SER A 286 13.99 -22.02 18.26
N ASP A 287 13.20 -20.97 18.47
CA ASP A 287 12.26 -20.94 19.60
C ASP A 287 11.00 -21.78 19.40
N GLY A 288 10.88 -22.40 18.22
CA GLY A 288 9.72 -23.21 17.86
C GLY A 288 8.49 -22.43 17.43
N GLN A 289 8.66 -21.13 17.19
CA GLN A 289 7.54 -20.28 16.79
C GLN A 289 7.62 -19.98 15.28
N PHE A 290 6.47 -19.74 14.66
CA PHE A 290 6.35 -19.34 13.26
C PHE A 290 6.60 -17.85 13.10
N TYR A 291 7.30 -17.50 12.03
CA TYR A 291 7.55 -16.11 11.63
C TYR A 291 7.17 -15.92 10.19
N LEU A 292 6.48 -14.82 9.95
CA LEU A 292 6.08 -14.46 8.57
C LEU A 292 7.25 -13.90 7.77
N LEU A 293 7.47 -14.41 6.57
CA LEU A 293 8.48 -13.81 5.67
C LEU A 293 7.90 -12.76 4.74
N GLU A 294 6.84 -13.13 3.99
CA GLU A 294 6.27 -12.24 2.95
C GLU A 294 5.03 -12.90 2.41
N ALA A 295 4.22 -12.08 1.77
CA ALA A 295 3.10 -12.55 0.96
C ALA A 295 3.42 -12.35 -0.51
N ASN A 296 2.91 -13.23 -1.35
CA ASN A 296 3.01 -13.11 -2.80
C ASN A 296 1.64 -13.12 -3.38
N THR A 297 1.32 -12.04 -4.06
CA THR A 297 -0.01 -11.86 -4.68
C THR A 297 -0.15 -12.25 -6.14
N SER A 298 0.95 -12.56 -6.86
CA SER A 298 0.86 -13.29 -8.16
C SER A 298 1.80 -14.54 -8.14
N PRO A 299 1.42 -15.59 -7.39
CA PRO A 299 2.35 -16.72 -7.18
C PRO A 299 2.81 -17.42 -8.42
N GLY A 300 4.00 -18.03 -8.37
CA GLY A 300 4.44 -18.86 -9.51
C GLY A 300 3.46 -20.00 -9.82
N MET A 301 3.38 -20.37 -11.08
CA MET A 301 2.51 -21.44 -11.56
C MET A 301 3.25 -22.42 -12.48
N THR A 302 4.58 -22.43 -12.35
CA THR A 302 5.46 -23.35 -13.12
C THR A 302 5.34 -24.80 -12.63
N SER A 303 6.00 -25.72 -13.35
CA SER A 303 6.00 -27.11 -12.91
C SER A 303 6.71 -27.33 -11.58
N HIS A 304 7.54 -26.36 -11.17
CA HIS A 304 8.24 -26.41 -9.89
C HIS A 304 7.48 -25.69 -8.80
N SER A 305 6.35 -25.05 -9.15
CA SER A 305 5.70 -24.11 -8.25
C SER A 305 4.78 -24.68 -7.17
N LEU A 306 4.63 -23.88 -6.12
CA LEU A 306 3.99 -24.31 -4.87
C LEU A 306 2.47 -24.26 -4.84
N VAL A 307 1.86 -23.19 -5.37
CA VAL A 307 0.40 -23.17 -5.38
C VAL A 307 -0.16 -24.42 -6.12
N PRO A 308 0.42 -24.81 -7.27
CA PRO A 308 -0.13 -26.03 -7.92
C PRO A 308 -0.03 -27.28 -7.04
N MET A 309 1.04 -27.36 -6.24
CA MET A 309 1.23 -28.54 -5.35
C MET A 309 0.14 -28.59 -4.28
N ALA A 310 -0.16 -27.43 -3.70
CA ALA A 310 -1.22 -27.32 -2.67
C ALA A 310 -2.57 -27.69 -3.27
N ALA A 311 -2.84 -27.18 -4.48
CA ALA A 311 -4.09 -27.47 -5.18
C ALA A 311 -4.25 -28.95 -5.48
N ARG A 312 -3.16 -29.61 -5.89
CA ARG A 312 -3.20 -31.05 -6.19
C ARG A 312 -3.52 -31.84 -4.91
N GLN A 313 -2.91 -31.44 -3.80
CA GLN A 313 -3.22 -32.12 -2.52
C GLN A 313 -4.70 -31.93 -2.13
N ALA A 314 -5.23 -30.74 -2.45
CA ALA A 314 -6.66 -30.47 -2.28
C ALA A 314 -7.61 -31.08 -3.33
N GLY A 315 -7.10 -32.00 -4.15
CA GLY A 315 -7.92 -32.80 -5.05
C GLY A 315 -8.37 -32.11 -6.31
N MET A 316 -7.71 -30.99 -6.67
CA MET A 316 -8.03 -30.22 -7.88
C MET A 316 -7.08 -30.53 -9.02
N SER A 317 -7.52 -30.49 -10.27
CA SER A 317 -6.56 -30.45 -11.39
C SER A 317 -5.99 -29.04 -11.47
N PHE A 318 -4.83 -28.89 -12.12
CA PHE A 318 -4.32 -27.54 -12.39
C PHE A 318 -5.36 -26.71 -13.18
N SER A 319 -6.01 -27.32 -14.17
CA SER A 319 -7.06 -26.62 -14.89
C SER A 319 -8.18 -26.11 -13.96
N GLN A 320 -8.60 -26.92 -13.00
CA GLN A 320 -9.64 -26.48 -12.06
C GLN A 320 -9.15 -25.30 -11.24
N LEU A 321 -7.90 -25.36 -10.80
CA LEU A 321 -7.29 -24.27 -10.09
C LEU A 321 -7.36 -22.93 -10.84
N VAL A 322 -6.89 -22.91 -12.09
CA VAL A 322 -6.84 -21.64 -12.78
C VAL A 322 -8.23 -21.15 -13.18
N VAL A 323 -9.14 -22.06 -13.50
CA VAL A 323 -10.53 -21.66 -13.73
C VAL A 323 -11.13 -21.02 -12.45
N ARG A 324 -10.83 -21.58 -11.27
CA ARG A 324 -11.36 -20.99 -10.05
C ARG A 324 -10.75 -19.60 -9.81
N ILE A 325 -9.44 -19.46 -10.00
CA ILE A 325 -8.81 -18.14 -9.85
C ILE A 325 -9.48 -17.12 -10.76
N LEU A 326 -9.75 -17.51 -12.00
CA LEU A 326 -10.37 -16.60 -12.93
C LEU A 326 -11.82 -16.28 -12.53
N GLU A 327 -12.59 -17.29 -12.09
CA GLU A 327 -13.97 -17.10 -11.58
C GLU A 327 -14.03 -16.07 -10.45
N LEU A 328 -13.01 -16.04 -9.61
CA LEU A 328 -12.96 -15.10 -8.49
C LEU A 328 -12.75 -13.63 -8.88
N ALA A 329 -12.35 -13.37 -10.13
CA ALA A 329 -12.09 -12.00 -10.58
C ALA A 329 -13.35 -11.15 -10.65
N ASP A 330 -13.17 -9.91 -10.17
CA ASP A 330 -14.14 -8.86 -9.92
C ASP A 330 -15.47 -9.03 -10.66
N MET B 25 5.96 22.95 -29.51
CA MET B 25 5.00 23.35 -28.46
C MET B 25 5.51 23.04 -27.06
N THR B 26 5.22 23.93 -26.11
CA THR B 26 5.49 23.63 -24.70
C THR B 26 4.51 22.57 -24.22
N ASP B 27 4.85 21.91 -23.11
CA ASP B 27 4.04 20.82 -22.54
C ASP B 27 2.61 21.25 -22.28
N LYS B 28 1.65 20.39 -22.67
CA LYS B 28 0.27 20.55 -22.26
C LYS B 28 0.04 19.74 -20.98
N ILE B 29 -0.45 20.41 -19.94
CA ILE B 29 -0.65 19.78 -18.64
C ILE B 29 -2.15 19.58 -18.40
N ALA B 30 -2.53 18.38 -17.98
CA ALA B 30 -3.90 18.14 -17.55
C ALA B 30 -4.00 18.31 -16.05
N VAL B 31 -4.91 19.19 -15.61
CA VAL B 31 -5.25 19.30 -14.20
C VAL B 31 -6.49 18.45 -13.98
N LEU B 32 -6.29 17.33 -13.29
CA LEU B 32 -7.43 16.41 -13.03
C LEU B 32 -8.19 16.90 -11.83
N LEU B 33 -9.47 17.12 -11.99
CA LEU B 33 -10.30 17.70 -10.94
C LEU B 33 -11.72 17.17 -11.03
N GLY B 34 -12.42 17.25 -9.89
CA GLY B 34 -13.81 16.77 -9.84
C GLY B 34 -13.87 15.28 -9.53
N GLY B 35 -14.10 14.47 -10.58
CA GLY B 35 -14.18 13.02 -10.35
C GLY B 35 -15.51 12.67 -9.69
N THR B 36 -15.56 11.51 -9.03
CA THR B 36 -16.85 11.02 -8.52
C THR B 36 -16.83 10.64 -7.05
N SER B 37 -15.79 11.02 -6.34
CA SER B 37 -15.70 10.74 -4.88
C SER B 37 -16.59 11.66 -4.05
N ALA B 38 -16.67 11.39 -2.75
CA ALA B 38 -17.46 12.25 -1.86
C ALA B 38 -16.82 13.66 -1.75
N GLU B 39 -15.57 13.76 -2.20
CA GLU B 39 -14.83 15.03 -2.14
C GLU B 39 -14.85 15.75 -3.49
N ARG B 40 -15.76 15.34 -4.38
CA ARG B 40 -15.87 15.99 -5.71
C ARG B 40 -15.92 17.52 -5.63
N GLU B 41 -16.80 18.04 -4.81
CA GLU B 41 -16.99 19.49 -4.75
C GLU B 41 -15.73 20.22 -4.29
N VAL B 42 -15.04 19.63 -3.30
CA VAL B 42 -13.76 20.17 -2.87
C VAL B 42 -12.75 20.11 -4.02
N SER B 43 -12.69 18.97 -4.73
CA SER B 43 -11.74 18.82 -5.82
C SER B 43 -12.01 19.79 -6.97
N LEU B 44 -13.28 20.04 -7.26
CA LEU B 44 -13.59 21.03 -8.28
C LEU B 44 -12.97 22.37 -7.89
N ASN B 45 -13.05 22.74 -6.62
CA ASN B 45 -12.47 23.99 -6.13
C ASN B 45 -10.94 23.95 -6.09
N SER B 46 -10.39 22.84 -5.64
CA SER B 46 -8.91 22.70 -5.67
C SER B 46 -8.39 22.85 -7.11
N GLY B 47 -9.00 22.10 -8.04
CA GLY B 47 -8.58 22.18 -9.44
C GLY B 47 -8.71 23.54 -10.07
N ALA B 48 -9.80 24.24 -9.72
CA ALA B 48 -9.98 25.60 -10.20
C ALA B 48 -8.81 26.49 -9.77
N ALA B 49 -8.39 26.35 -8.52
CA ALA B 49 -7.30 27.19 -8.00
C ALA B 49 -5.95 26.78 -8.65
N VAL B 50 -5.71 25.47 -8.74
CA VAL B 50 -4.49 24.97 -9.35
C VAL B 50 -4.37 25.43 -10.81
N LEU B 51 -5.47 25.33 -11.57
CA LEU B 51 -5.48 25.70 -12.99
C LEU B 51 -5.02 27.16 -13.14
N ALA B 52 -5.62 28.06 -12.38
CA ALA B 52 -5.24 29.46 -12.43
C ALA B 52 -3.79 29.70 -12.04
N GLY B 53 -3.38 29.09 -10.94
CA GLY B 53 -1.98 29.20 -10.51
C GLY B 53 -1.01 28.73 -11.56
N LEU B 54 -1.31 27.63 -12.23
CA LEU B 54 -0.42 27.12 -13.28
C LEU B 54 -0.38 28.04 -14.50
N ARG B 55 -1.54 28.52 -14.96
CA ARG B 55 -1.60 29.43 -16.11
C ARG B 55 -0.91 30.77 -15.82
N GLU B 56 -1.07 31.25 -14.59
CA GLU B 56 -0.35 32.44 -14.10
C GLU B 56 1.14 32.22 -14.09
N GLY B 57 1.56 30.98 -13.88
CA GLY B 57 2.96 30.64 -13.84
C GLY B 57 3.55 30.34 -15.21
N GLY B 58 2.76 30.51 -16.26
CA GLY B 58 3.20 30.28 -17.64
C GLY B 58 3.08 28.86 -18.14
N ILE B 59 2.32 28.03 -17.43
CA ILE B 59 2.16 26.60 -17.79
C ILE B 59 0.89 26.43 -18.62
N ASP B 60 0.97 25.66 -19.71
CA ASP B 60 -0.20 25.49 -20.57
C ASP B 60 -1.08 24.38 -19.99
N ALA B 61 -1.90 24.76 -19.04
CA ALA B 61 -2.66 23.79 -18.24
C ALA B 61 -4.14 23.87 -18.61
N TYR B 62 -4.81 22.73 -18.50
CA TYR B 62 -6.22 22.60 -18.93
C TYR B 62 -6.97 21.77 -17.91
N PRO B 63 -8.21 22.14 -17.62
CA PRO B 63 -8.95 21.33 -16.63
C PRO B 63 -9.52 20.09 -17.29
N VAL B 64 -9.41 18.95 -16.64
CA VAL B 64 -9.96 17.69 -17.16
C VAL B 64 -10.67 16.97 -16.01
N ASP B 65 -11.97 16.74 -16.16
CA ASP B 65 -12.76 16.08 -15.12
C ASP B 65 -13.01 14.63 -15.52
N PRO B 66 -12.47 13.66 -14.72
CA PRO B 66 -12.66 12.22 -15.07
C PRO B 66 -14.12 11.76 -15.06
N LYS B 67 -15.01 12.52 -14.44
CA LYS B 67 -16.44 12.17 -14.51
C LYS B 67 -16.93 12.32 -15.95
N GLU B 68 -16.33 13.24 -16.69
CA GLU B 68 -16.75 13.63 -18.04
C GLU B 68 -15.87 13.04 -19.13
N VAL B 69 -14.60 12.82 -18.80
CA VAL B 69 -13.57 12.44 -19.76
C VAL B 69 -12.98 11.12 -19.30
N ASP B 70 -12.82 10.18 -20.22
CA ASP B 70 -12.14 8.90 -19.96
C ASP B 70 -10.63 9.18 -19.83
N VAL B 71 -10.11 9.09 -18.60
CA VAL B 71 -8.72 9.46 -18.33
C VAL B 71 -7.71 8.50 -18.95
N THR B 72 -8.15 7.32 -19.37
CA THR B 72 -7.26 6.44 -20.13
C THR B 72 -6.87 7.07 -21.47
N GLN B 73 -7.59 8.13 -21.88
CA GLN B 73 -7.35 8.83 -23.15
C GLN B 73 -6.42 10.07 -23.07
N LEU B 74 -5.86 10.37 -21.89
CA LEU B 74 -5.09 11.62 -21.77
C LEU B 74 -3.94 11.76 -22.74
N LYS B 75 -3.19 10.68 -22.93
CA LYS B 75 -2.05 10.74 -23.84
C LYS B 75 -2.53 10.93 -25.27
N SER B 76 -3.59 10.21 -25.64
CA SER B 76 -4.16 10.34 -26.97
C SER B 76 -4.69 11.75 -27.22
N MET B 77 -5.13 12.41 -26.14
CA MET B 77 -5.64 13.78 -26.19
C MET B 77 -4.53 14.85 -26.27
N GLY B 78 -3.27 14.44 -26.15
CA GLY B 78 -2.15 15.35 -26.38
C GLY B 78 -1.50 15.90 -25.14
N PHE B 79 -1.84 15.36 -23.98
CA PHE B 79 -1.22 15.82 -22.74
C PHE B 79 0.15 15.19 -22.50
N GLN B 80 1.07 15.99 -21.92
CA GLN B 80 2.43 15.56 -21.56
C GLN B 80 2.62 15.23 -20.07
N LYS B 81 1.88 15.89 -19.18
CA LYS B 81 2.04 15.70 -17.74
C LYS B 81 0.71 15.96 -17.07
N VAL B 82 0.57 15.43 -15.84
CA VAL B 82 -0.69 15.50 -15.12
C VAL B 82 -0.49 16.09 -13.75
N PHE B 83 -1.27 17.14 -13.43
CA PHE B 83 -1.36 17.62 -12.06
C PHE B 83 -2.60 17.00 -11.44
N ILE B 84 -2.43 16.18 -10.40
CA ILE B 84 -3.57 15.54 -9.75
C ILE B 84 -4.14 16.45 -8.68
N ALA B 85 -5.33 16.97 -8.91
CA ALA B 85 -6.07 17.78 -7.94
C ALA B 85 -7.37 17.07 -7.53
N LEU B 86 -7.39 15.75 -7.70
CA LEU B 86 -8.48 14.90 -7.19
C LEU B 86 -8.28 14.52 -5.74
N HIS B 87 -9.38 14.28 -5.05
CA HIS B 87 -9.34 13.87 -3.63
C HIS B 87 -10.16 12.61 -3.45
N GLY B 88 -9.65 11.68 -2.65
CA GLY B 88 -10.38 10.44 -2.35
C GLY B 88 -10.05 9.30 -3.26
N ARG B 89 -10.72 8.19 -3.02
CA ARG B 89 -10.48 6.96 -3.79
C ARG B 89 -10.65 7.19 -5.31
N GLY B 90 -9.84 6.51 -6.13
CA GLY B 90 -9.88 6.76 -7.60
C GLY B 90 -9.08 7.96 -8.17
N GLY B 91 -8.61 8.82 -7.30
CA GLY B 91 -7.62 9.83 -7.67
C GLY B 91 -6.41 9.85 -6.75
N GLU B 92 -6.64 9.49 -5.49
CA GLU B 92 -5.65 9.65 -4.44
C GLU B 92 -5.16 8.30 -3.89
N ASP B 93 -5.69 7.18 -4.36
CA ASP B 93 -5.45 5.89 -3.72
C ASP B 93 -4.57 4.92 -4.49
N GLY B 94 -3.82 5.42 -5.47
CA GLY B 94 -2.85 4.57 -6.21
C GLY B 94 -3.41 4.06 -7.54
N THR B 95 -4.73 4.03 -7.67
CA THR B 95 -5.36 3.48 -8.85
C THR B 95 -5.02 4.31 -10.10
N LEU B 96 -5.27 5.62 -10.03
CA LEU B 96 -4.97 6.53 -11.10
C LEU B 96 -3.46 6.56 -11.35
N GLN B 97 -2.66 6.60 -10.27
CA GLN B 97 -1.21 6.61 -10.39
C GLN B 97 -0.71 5.41 -11.20
N GLY B 98 -1.28 4.23 -10.94
CA GLY B 98 -0.89 3.05 -11.69
C GLY B 98 -1.18 3.20 -13.19
N MET B 99 -2.39 3.67 -13.53
CA MET B 99 -2.76 3.94 -14.91
C MET B 99 -1.78 4.94 -15.57
N LEU B 100 -1.45 6.04 -14.87
CA LEU B 100 -0.55 7.05 -15.43
C LEU B 100 0.85 6.48 -15.63
N GLU B 101 1.31 5.68 -14.68
CA GLU B 101 2.61 5.01 -14.82
C GLU B 101 2.67 4.21 -16.11
N LEU B 102 1.65 3.39 -16.38
CA LEU B 102 1.65 2.54 -17.57
C LEU B 102 1.42 3.30 -18.87
N MET B 103 0.72 4.41 -18.78
CA MET B 103 0.55 5.29 -19.93
C MET B 103 1.82 6.08 -20.22
N GLY B 104 2.67 6.23 -19.21
CA GLY B 104 3.97 6.91 -19.36
C GLY B 104 3.91 8.42 -19.18
N LEU B 105 2.87 8.90 -18.49
CA LEU B 105 2.77 10.32 -18.19
C LEU B 105 3.26 10.62 -16.79
N PRO B 106 4.20 11.57 -16.65
CA PRO B 106 4.61 12.06 -15.34
C PRO B 106 3.43 12.71 -14.62
N TYR B 107 3.36 12.54 -13.30
CA TYR B 107 2.23 13.07 -12.54
C TYR B 107 2.71 13.56 -11.19
N THR B 108 1.95 14.46 -10.58
CA THR B 108 2.36 15.02 -9.29
C THR B 108 2.05 14.08 -8.11
N GLY B 109 2.78 14.28 -7.01
CA GLY B 109 2.53 13.55 -5.78
C GLY B 109 3.08 12.14 -5.71
N SER B 110 2.59 11.42 -4.71
CA SER B 110 3.16 10.12 -4.33
C SER B 110 2.84 9.04 -5.34
N GLY B 111 3.65 7.98 -5.33
CA GLY B 111 3.43 6.85 -6.24
C GLY B 111 2.29 5.93 -5.78
N VAL B 112 2.21 4.78 -6.45
CA VAL B 112 1.11 3.83 -6.25
C VAL B 112 1.02 3.38 -4.79
N MET B 113 2.09 2.82 -4.26
CA MET B 113 2.05 2.27 -2.88
C MET B 113 1.71 3.34 -1.84
N ALA B 114 2.46 4.44 -1.82
CA ALA B 114 2.28 5.44 -0.77
C ALA B 114 0.92 6.10 -0.86
N SER B 115 0.39 6.29 -2.08
CA SER B 115 -0.97 6.85 -2.26
C SER B 115 -1.98 5.85 -1.71
N ALA B 116 -1.86 4.58 -2.04
CA ALA B 116 -2.81 3.57 -1.55
C ALA B 116 -2.75 3.47 -0.03
N LEU B 117 -1.55 3.49 0.54
CA LEU B 117 -1.42 3.35 1.96
C LEU B 117 -1.93 4.60 2.72
N SER B 118 -1.64 5.78 2.19
CA SER B 118 -2.05 7.00 2.89
C SER B 118 -3.59 7.17 2.88
N MET B 119 -4.23 6.64 1.84
CA MET B 119 -5.66 6.64 1.80
C MET B 119 -6.26 5.72 2.86
N ASP B 120 -5.56 4.63 3.16
CA ASP B 120 -6.06 3.61 4.07
C ASP B 120 -5.63 3.94 5.50
N LYS B 121 -6.49 4.64 6.24
CA LYS B 121 -6.11 5.03 7.60
C LYS B 121 -5.84 3.82 8.49
N LEU B 122 -6.56 2.73 8.32
CA LEU B 122 -6.33 1.55 9.16
C LEU B 122 -4.88 1.04 8.94
N ARG B 123 -4.47 0.94 7.68
CA ARG B 123 -3.16 0.39 7.37
C ARG B 123 -2.05 1.41 7.62
N SER B 124 -2.34 2.70 7.43
CA SER B 124 -1.37 3.69 7.89
C SER B 124 -1.10 3.59 9.38
N LYS B 125 -2.17 3.46 10.16
CA LYS B 125 -2.00 3.32 11.61
C LYS B 125 -1.18 2.10 11.99
N LEU B 126 -1.44 0.97 11.34
CA LEU B 126 -0.66 -0.21 11.59
C LEU B 126 0.81 -0.05 11.23
N LEU B 127 1.09 0.57 10.09
CA LEU B 127 2.45 0.80 9.67
C LEU B 127 3.15 1.68 10.69
N TRP B 128 2.50 2.79 11.05
CA TRP B 128 3.13 3.73 11.95
C TRP B 128 3.35 3.10 13.33
N GLN B 129 2.39 2.32 13.83
CA GLN B 129 2.55 1.62 15.10
C GLN B 129 3.70 0.63 14.99
N GLY B 130 3.78 -0.09 13.86
CA GLY B 130 4.91 -1.03 13.64
C GLY B 130 6.27 -0.32 13.68
N ALA B 131 6.27 0.94 13.26
CA ALA B 131 7.48 1.76 13.23
C ALA B 131 7.76 2.51 14.53
N GLY B 132 6.92 2.27 15.54
CA GLY B 132 7.14 2.86 16.88
C GLY B 132 6.65 4.30 16.97
N LEU B 133 5.80 4.71 16.03
CA LEU B 133 5.33 6.09 16.00
C LEU B 133 4.02 6.21 16.75
N PRO B 134 3.70 7.41 17.27
CA PRO B 134 2.55 7.58 18.15
C PRO B 134 1.21 7.68 17.41
N VAL B 135 0.27 6.79 17.78
CA VAL B 135 -1.08 6.80 17.19
C VAL B 135 -2.10 6.66 18.32
N ALA B 136 -3.26 7.27 18.14
CA ALA B 136 -4.35 7.14 19.13
C ALA B 136 -4.79 5.68 19.26
N PRO B 137 -5.05 5.21 20.49
CA PRO B 137 -5.72 3.92 20.68
C PRO B 137 -6.95 3.81 19.79
N TRP B 138 -7.16 2.63 19.23
CA TRP B 138 -8.23 2.47 18.29
C TRP B 138 -8.72 1.03 18.19
N VAL B 139 -9.90 0.88 17.59
CA VAL B 139 -10.46 -0.43 17.24
C VAL B 139 -10.91 -0.33 15.78
N ALA B 140 -10.56 -1.35 14.99
CA ALA B 140 -10.99 -1.46 13.61
C ALA B 140 -12.14 -2.44 13.48
N LEU B 141 -13.13 -2.11 12.67
CA LEU B 141 -14.28 -2.98 12.44
C LEU B 141 -14.57 -3.10 10.96
N THR B 142 -15.03 -4.29 10.56
CA THR B 142 -15.57 -4.49 9.22
C THR B 142 -17.09 -4.47 9.23
N ARG B 143 -17.66 -4.15 8.07
CA ARG B 143 -19.12 -4.03 7.97
C ARG B 143 -19.77 -5.37 8.25
N ALA B 144 -19.15 -6.45 7.81
CA ALA B 144 -19.72 -7.79 8.01
C ALA B 144 -19.83 -8.11 9.50
N GLU B 145 -18.82 -7.69 10.28
CA GLU B 145 -18.81 -7.88 11.74
C GLU B 145 -19.94 -7.09 12.41
N PHE B 146 -20.05 -5.84 12.01
CA PHE B 146 -21.12 -4.99 12.53
C PHE B 146 -22.53 -5.52 12.25
N GLU B 147 -22.76 -6.07 11.05
CA GLU B 147 -24.05 -6.58 10.66
C GLU B 147 -24.48 -7.78 11.50
N LYS B 148 -23.53 -8.59 11.93
CA LYS B 148 -23.81 -9.81 12.64
C LYS B 148 -23.94 -9.60 14.14
N GLY B 149 -23.20 -8.60 14.63
CA GLY B 149 -23.04 -8.34 16.05
C GLY B 149 -21.60 -8.58 16.45
N LEU B 150 -21.09 -7.73 17.33
CA LEU B 150 -19.68 -7.78 17.70
C LEU B 150 -19.39 -8.83 18.76
N SER B 151 -18.15 -9.32 18.80
CA SER B 151 -17.73 -10.32 19.78
C SER B 151 -17.57 -9.65 21.15
N ASP B 152 -17.57 -10.44 22.22
CA ASP B 152 -17.26 -9.89 23.55
C ASP B 152 -15.88 -9.23 23.56
N LYS B 153 -14.92 -9.81 22.82
CA LYS B 153 -13.56 -9.25 22.69
C LYS B 153 -13.58 -7.84 22.13
N GLN B 154 -14.30 -7.67 21.03
CA GLN B 154 -14.41 -6.37 20.40
C GLN B 154 -15.14 -5.41 21.30
N LEU B 155 -16.17 -5.89 22.01
CA LEU B 155 -16.93 -4.95 22.83
C LEU B 155 -16.06 -4.48 23.99
N ALA B 156 -15.22 -5.37 24.53
CA ALA B 156 -14.31 -4.99 25.63
C ALA B 156 -13.26 -3.99 25.14
N GLU B 157 -12.68 -4.23 23.96
CA GLU B 157 -11.72 -3.27 23.36
C GLU B 157 -12.35 -1.88 23.15
N ILE B 158 -13.58 -1.86 22.65
CA ILE B 158 -14.28 -0.59 22.50
C ILE B 158 -14.52 0.12 23.84
N SER B 159 -14.99 -0.63 24.84
CA SER B 159 -15.21 -0.11 26.17
C SER B 159 -13.91 0.47 26.75
N ALA B 160 -12.77 -0.16 26.49
CA ALA B 160 -11.49 0.34 27.02
C ALA B 160 -11.04 1.67 26.40
N LEU B 161 -11.59 2.05 25.25
CA LEU B 161 -11.30 3.38 24.71
C LEU B 161 -11.95 4.50 25.53
N GLY B 162 -12.97 4.16 26.31
CA GLY B 162 -13.77 5.16 27.05
C GLY B 162 -14.61 5.99 26.10
N LEU B 163 -15.21 7.05 26.62
CA LEU B 163 -16.00 7.99 25.80
C LEU B 163 -15.52 9.37 26.18
N PRO B 164 -15.54 10.32 25.24
CA PRO B 164 -16.02 10.16 23.87
C PRO B 164 -15.06 9.38 22.99
N VAL B 165 -15.56 8.99 21.82
CA VAL B 165 -14.70 8.49 20.74
C VAL B 165 -15.07 9.21 19.47
N ILE B 166 -14.17 9.12 18.49
CA ILE B 166 -14.47 9.56 17.14
C ILE B 166 -14.59 8.28 16.30
N VAL B 167 -15.54 8.29 15.37
CA VAL B 167 -15.73 7.21 14.41
C VAL B 167 -15.42 7.75 13.01
N LYS B 168 -14.64 7.01 12.23
CA LYS B 168 -14.31 7.46 10.88
C LYS B 168 -14.29 6.29 9.90
N PRO B 169 -14.70 6.53 8.65
CA PRO B 169 -14.38 5.53 7.61
C PRO B 169 -12.85 5.40 7.48
N SER B 170 -12.39 4.25 7.03
CA SER B 170 -10.94 4.15 6.84
C SER B 170 -10.42 5.02 5.67
N ARG B 171 -11.20 5.08 4.59
CA ARG B 171 -10.68 5.60 3.34
C ARG B 171 -11.42 6.81 2.77
N GLU B 172 -11.80 7.72 3.64
CA GLU B 172 -12.39 8.98 3.23
C GLU B 172 -11.45 10.17 3.45
N GLY B 173 -12.02 11.35 3.24
CA GLY B 173 -11.32 12.61 3.47
C GLY B 173 -12.35 13.69 3.78
N SER B 174 -11.86 14.89 4.07
CA SER B 174 -12.76 16.03 4.27
C SER B 174 -13.74 15.83 5.44
N SER B 175 -13.39 14.95 6.39
CA SER B 175 -14.24 14.63 7.55
C SER B 175 -15.55 13.96 7.14
N VAL B 176 -15.60 13.41 5.93
CA VAL B 176 -16.82 12.75 5.44
C VAL B 176 -17.05 11.49 6.27
N GLY B 177 -18.29 11.32 6.73
CA GLY B 177 -18.69 10.07 7.40
C GLY B 177 -18.29 9.99 8.85
N MET B 178 -17.77 11.08 9.41
CA MET B 178 -17.20 11.10 10.76
C MET B 178 -18.15 11.65 11.79
N SER B 179 -18.03 11.16 13.02
CA SER B 179 -18.79 11.72 14.07
C SER B 179 -18.20 11.47 15.44
N LYS B 180 -18.54 12.37 16.35
CA LYS B 180 -18.17 12.28 17.75
C LYS B 180 -19.30 11.55 18.48
N VAL B 181 -18.92 10.55 19.23
CA VAL B 181 -19.85 9.73 20.01
C VAL B 181 -19.65 9.97 21.49
N VAL B 182 -20.75 10.36 22.15
CA VAL B 182 -20.72 10.64 23.59
C VAL B 182 -21.60 9.72 24.41
N ALA B 183 -22.38 8.86 23.74
CA ALA B 183 -23.25 7.88 24.44
C ALA B 183 -23.13 6.55 23.74
N GLU B 184 -23.17 5.45 24.48
CA GLU B 184 -22.97 4.12 23.94
C GLU B 184 -24.00 3.76 22.86
N ASN B 185 -25.25 4.14 23.06
CA ASN B 185 -26.32 3.78 22.13
C ASN B 185 -26.03 4.39 20.77
N ALA B 186 -25.50 5.60 20.77
CA ALA B 186 -25.29 6.33 19.54
C ALA B 186 -24.05 5.86 18.78
N LEU B 187 -23.21 5.04 19.40
CA LEU B 187 -22.11 4.43 18.66
C LEU B 187 -22.63 3.67 17.46
N GLN B 188 -23.74 2.94 17.65
CA GLN B 188 -24.34 2.22 16.52
C GLN B 188 -24.66 3.08 15.29
N ASP B 189 -25.25 4.25 15.55
CA ASP B 189 -25.58 5.21 14.49
C ASP B 189 -24.33 5.81 13.85
N ALA B 190 -23.30 6.07 14.66
CA ALA B 190 -22.03 6.55 14.13
C ALA B 190 -21.36 5.51 13.23
N LEU B 191 -21.41 4.25 13.66
CA LEU B 191 -20.87 3.18 12.85
C LEU B 191 -21.67 3.01 11.55
N ARG B 192 -23.00 3.07 11.65
CA ARG B 192 -23.83 2.96 10.48
C ARG B 192 -23.46 4.05 9.49
N LEU B 193 -23.29 5.30 9.99
CA LEU B 193 -22.92 6.38 9.06
C LEU B 193 -21.58 6.06 8.39
N ALA B 194 -20.57 5.70 9.18
CA ALA B 194 -19.26 5.47 8.56
C ALA B 194 -19.27 4.32 7.58
N PHE B 195 -20.06 3.28 7.87
CA PHE B 195 -20.19 2.14 6.98
C PHE B 195 -20.94 2.47 5.69
N GLN B 196 -21.60 3.64 5.57
CA GLN B 196 -22.12 4.09 4.26
C GLN B 196 -20.95 4.41 3.32
N HIS B 197 -19.81 4.75 3.89
CA HIS B 197 -18.68 5.26 3.13
C HIS B 197 -17.56 4.23 2.91
N ASP B 198 -17.45 3.23 3.77
CA ASP B 198 -16.36 2.27 3.63
C ASP B 198 -16.81 1.02 4.34
N GLU B 199 -16.29 -0.12 3.90
CA GLU B 199 -16.53 -1.38 4.58
C GLU B 199 -15.58 -1.62 5.78
N GLU B 200 -14.62 -0.72 5.94
CA GLU B 200 -13.74 -0.75 7.12
C GLU B 200 -13.79 0.59 7.79
N VAL B 201 -13.94 0.58 9.11
CA VAL B 201 -14.14 1.79 9.92
C VAL B 201 -13.24 1.72 11.14
N LEU B 202 -12.88 2.89 11.63
CA LEU B 202 -12.08 3.04 12.85
C LEU B 202 -12.89 3.73 13.94
N ILE B 203 -12.76 3.20 15.15
CA ILE B 203 -13.19 3.88 16.38
C ILE B 203 -11.91 4.28 17.12
N GLU B 204 -11.73 5.59 17.36
CA GLU B 204 -10.49 6.09 17.97
C GLU B 204 -10.78 6.82 19.24
N LYS B 205 -9.91 6.66 20.24
CA LYS B 205 -9.92 7.50 21.43
C LYS B 205 -10.02 8.97 21.03
N TRP B 206 -10.90 9.70 21.71
CA TRP B 206 -11.00 11.12 21.50
C TRP B 206 -9.76 11.84 22.04
N LEU B 207 -9.12 12.63 21.18
CA LEU B 207 -7.93 13.39 21.58
C LEU B 207 -8.34 14.82 21.91
N SER B 208 -7.72 15.36 22.95
CA SER B 208 -8.08 16.70 23.45
C SER B 208 -7.72 17.85 22.52
N GLY B 209 -6.70 17.67 21.68
CA GLY B 209 -6.16 18.79 20.95
C GLY B 209 -5.21 19.55 21.85
N PRO B 210 -4.67 20.66 21.35
CA PRO B 210 -4.99 21.27 20.06
C PRO B 210 -4.58 20.44 18.84
N GLU B 211 -5.06 20.89 17.68
CA GLU B 211 -4.88 20.23 16.41
C GLU B 211 -3.90 20.98 15.51
N PHE B 212 -3.09 20.22 14.76
CA PHE B 212 -2.07 20.80 13.88
C PHE B 212 -2.08 20.10 12.55
N THR B 213 -1.47 20.77 11.56
CA THR B 213 -1.19 20.12 10.31
C THR B 213 0.14 20.61 9.79
N VAL B 214 0.86 19.72 9.08
CA VAL B 214 2.19 20.02 8.52
C VAL B 214 2.25 19.58 7.08
N ALA B 215 2.53 20.54 6.19
CA ALA B 215 2.69 20.31 4.75
C ALA B 215 4.15 20.04 4.42
N ILE B 216 4.36 19.15 3.46
CA ILE B 216 5.66 18.78 2.91
C ILE B 216 5.68 19.11 1.41
N LEU B 217 6.77 19.74 0.93
CA LEU B 217 6.94 20.08 -0.49
C LEU B 217 8.34 19.73 -0.92
N GLY B 218 8.47 18.63 -1.66
CA GLY B 218 9.75 18.05 -1.98
C GLY B 218 10.47 17.67 -0.70
N GLU B 219 11.63 18.26 -0.51
CA GLU B 219 12.45 18.07 0.68
C GLU B 219 12.16 19.10 1.79
N GLU B 220 11.27 20.05 1.52
CA GLU B 220 10.99 21.18 2.44
C GLU B 220 9.78 20.82 3.32
N ILE B 221 9.93 20.98 4.63
CA ILE B 221 8.80 20.91 5.55
C ILE B 221 8.39 22.36 5.72
N LEU B 222 7.17 22.66 5.32
CA LEU B 222 6.65 24.01 5.40
C LEU B 222 6.24 24.42 6.83
N PRO B 223 6.08 25.74 7.09
CA PRO B 223 5.66 26.20 8.42
C PRO B 223 4.37 25.48 8.88
N SER B 224 4.36 25.06 10.12
CA SER B 224 3.25 24.33 10.73
C SER B 224 2.01 25.23 10.91
N ILE B 225 0.85 24.59 11.04
CA ILE B 225 -0.42 25.30 11.27
C ILE B 225 -1.13 24.68 12.45
N ARG B 226 -1.62 25.55 13.35
CA ARG B 226 -2.52 25.13 14.40
C ARG B 226 -3.94 25.52 13.95
N ILE B 227 -4.85 24.57 14.01
CA ILE B 227 -6.24 24.74 13.53
C ILE B 227 -7.17 24.73 14.72
N GLN B 228 -8.03 25.75 14.80
CA GLN B 228 -8.99 25.87 15.90
C GLN B 228 -10.44 25.98 15.37
N PRO B 229 -11.14 24.83 15.26
CA PRO B 229 -12.53 24.83 14.86
C PRO B 229 -13.38 25.49 15.94
N SER B 230 -14.53 26.01 15.55
CA SER B 230 -15.44 26.64 16.53
C SER B 230 -16.34 25.59 17.22
N GLY B 231 -16.41 24.40 16.65
CA GLY B 231 -17.28 23.34 17.18
C GLY B 231 -16.52 22.16 17.71
N THR B 232 -17.12 20.98 17.64
CA THR B 232 -16.57 19.79 18.28
C THR B 232 -15.34 19.24 17.56
N PHE B 233 -15.30 19.36 16.23
CA PHE B 233 -14.09 18.96 15.54
C PHE B 233 -13.99 19.69 14.21
N TYR B 234 -12.92 19.43 13.47
CA TYR B 234 -12.70 20.10 12.18
C TYR B 234 -13.50 19.33 11.13
N ASP B 235 -14.81 19.60 11.12
CA ASP B 235 -15.77 18.89 10.30
C ASP B 235 -15.81 19.51 8.89
N TYR B 236 -16.64 18.94 8.02
CA TYR B 236 -16.71 19.44 6.66
C TYR B 236 -17.05 20.92 6.56
N GLU B 237 -18.03 21.39 7.37
CA GLU B 237 -18.38 22.79 7.31
C GLU B 237 -17.24 23.67 7.81
N ALA B 238 -16.56 23.22 8.87
CA ALA B 238 -15.45 23.98 9.44
C ALA B 238 -14.30 24.06 8.47
N LYS B 239 -14.14 23.02 7.64
CA LYS B 239 -13.06 23.00 6.65
C LYS B 239 -13.34 23.95 5.47
N TYR B 240 -14.58 23.93 4.98
CA TYR B 240 -14.83 24.52 3.64
C TYR B 240 -15.81 25.64 3.53
N LEU B 241 -16.61 25.84 4.57
CA LEU B 241 -17.80 26.70 4.45
C LEU B 241 -18.04 27.61 5.65
N SER B 242 -17.07 27.70 6.55
CA SER B 242 -17.19 28.49 7.77
C SER B 242 -16.16 29.61 7.81
N ASP B 243 -16.59 30.76 8.29
CA ASP B 243 -15.67 31.86 8.55
C ASP B 243 -15.29 31.92 10.02
N GLU B 244 -15.68 30.90 10.80
CA GLU B 244 -15.40 30.84 12.23
C GLU B 244 -14.13 30.06 12.60
N THR B 245 -13.67 29.18 11.72
CA THR B 245 -12.43 28.45 12.01
C THR B 245 -11.28 29.42 12.08
N GLN B 246 -10.42 29.25 13.09
CA GLN B 246 -9.18 30.03 13.20
C GLN B 246 -7.93 29.20 12.86
N TYR B 247 -6.91 29.88 12.33
CA TYR B 247 -5.66 29.20 11.92
C TYR B 247 -4.51 30.06 12.38
N PHE B 248 -3.44 29.38 12.78
CA PHE B 248 -2.22 30.05 13.27
C PHE B 248 -1.05 29.45 12.56
N CYS B 249 -0.30 30.24 11.81
CA CYS B 249 0.85 29.73 11.04
C CYS B 249 2.04 30.70 11.11
N PRO B 250 3.19 30.28 11.69
CA PRO B 250 3.45 28.98 12.31
C PRO B 250 2.54 28.74 13.54
N ALA B 251 2.55 27.51 14.03
CA ALA B 251 1.59 27.06 15.09
C ALA B 251 1.73 27.74 16.44
N GLY B 252 2.86 28.43 16.65
CA GLY B 252 3.08 29.12 17.90
C GLY B 252 3.56 28.23 19.01
N LEU B 253 4.18 27.10 18.65
CA LEU B 253 4.76 26.22 19.66
C LEU B 253 6.10 26.76 20.16
N GLU B 254 6.50 26.30 21.34
CA GLU B 254 7.88 26.49 21.77
C GLU B 254 8.79 25.87 20.70
N ALA B 255 9.99 26.41 20.54
CA ALA B 255 10.92 25.95 19.50
C ALA B 255 11.18 24.44 19.58
N SER B 256 11.35 23.92 20.80
CA SER B 256 11.59 22.48 20.98
C SER B 256 10.38 21.63 20.53
N GLN B 257 9.17 22.14 20.76
CA GLN B 257 7.95 21.40 20.35
C GLN B 257 7.69 21.48 18.86
N GLU B 258 7.96 22.63 18.26
CA GLU B 258 7.94 22.76 16.81
C GLU B 258 8.95 21.79 16.16
N ALA B 259 10.13 21.66 16.75
CA ALA B 259 11.11 20.68 16.26
C ALA B 259 10.62 19.23 16.43
N ASN B 260 10.00 18.93 17.57
CA ASN B 260 9.41 17.61 17.88
C ASN B 260 8.36 17.29 16.79
N LEU B 261 7.48 18.25 16.52
CA LEU B 261 6.40 18.04 15.56
C LEU B 261 6.97 17.82 14.16
N GLN B 262 7.96 18.62 13.76
CA GLN B 262 8.55 18.46 12.43
C GLN B 262 9.23 17.09 12.29
N ALA B 263 9.95 16.64 13.32
CA ALA B 263 10.67 15.36 13.25
C ALA B 263 9.68 14.19 13.19
N LEU B 264 8.58 14.29 13.93
CA LEU B 264 7.53 13.28 13.90
C LEU B 264 6.89 13.18 12.51
N VAL B 265 6.56 14.32 11.91
CA VAL B 265 5.92 14.32 10.62
C VAL B 265 6.90 13.79 9.57
N LEU B 266 8.18 14.16 9.65
CA LEU B 266 9.13 13.66 8.68
C LEU B 266 9.26 12.15 8.76
N LYS B 267 9.29 11.58 9.97
CA LYS B 267 9.37 10.12 10.09
C LYS B 267 8.10 9.46 9.59
N ALA B 268 6.95 10.08 9.82
CA ALA B 268 5.71 9.49 9.38
C ALA B 268 5.66 9.45 7.85
N TRP B 269 6.08 10.55 7.24
CA TRP B 269 6.16 10.72 5.78
C TRP B 269 7.09 9.69 5.14
N THR B 270 8.28 9.56 5.71
CA THR B 270 9.25 8.65 5.14
C THR B 270 8.81 7.18 5.35
N THR B 271 8.17 6.87 6.48
CA THR B 271 7.71 5.52 6.77
C THR B 271 6.66 5.09 5.73
N LEU B 272 5.77 6.01 5.35
CA LEU B 272 4.76 5.68 4.33
C LEU B 272 5.33 5.61 2.94
N GLY B 273 6.47 6.26 2.70
CA GLY B 273 7.06 6.27 1.35
C GLY B 273 6.56 7.36 0.43
N CYS B 274 5.98 8.41 0.99
CA CYS B 274 5.37 9.47 0.19
C CYS B 274 6.41 10.30 -0.52
N LYS B 275 5.99 10.93 -1.60
CA LYS B 275 6.88 11.77 -2.39
C LYS B 275 6.16 12.97 -2.97
N GLY B 276 6.92 14.02 -3.30
CA GLY B 276 6.38 15.15 -4.05
C GLY B 276 5.83 16.19 -3.12
N TRP B 277 4.64 15.94 -2.58
CA TRP B 277 4.04 16.88 -1.64
C TRP B 277 2.93 16.18 -0.91
N GLY B 278 2.48 16.76 0.21
CA GLY B 278 1.40 16.16 0.99
C GLY B 278 1.23 16.90 2.29
N ARG B 279 0.37 16.38 3.17
CA ARG B 279 0.07 17.07 4.42
C ARG B 279 -0.32 16.06 5.48
N ILE B 280 0.29 16.16 6.65
CA ILE B 280 0.02 15.18 7.72
C ILE B 280 -0.69 15.89 8.87
N ASP B 281 -1.75 15.26 9.35
CA ASP B 281 -2.59 15.84 10.41
C ASP B 281 -2.23 15.23 11.76
N VAL B 282 -2.09 16.06 12.80
CA VAL B 282 -1.53 15.67 14.09
C VAL B 282 -2.33 16.33 15.19
N MET B 283 -2.51 15.64 16.32
CA MET B 283 -3.14 16.31 17.45
C MET B 283 -2.41 16.05 18.76
N LEU B 284 -2.41 17.05 19.64
CA LEU B 284 -1.99 16.80 21.02
C LEU B 284 -3.10 16.07 21.76
N ASP B 285 -2.73 15.30 22.76
CA ASP B 285 -3.70 14.79 23.73
C ASP B 285 -3.38 15.32 25.12
N SER B 286 -4.17 14.91 26.12
CA SER B 286 -4.08 15.49 27.47
C SER B 286 -2.81 15.12 28.21
N ASP B 287 -2.14 14.08 27.71
CA ASP B 287 -0.84 13.66 28.22
C ASP B 287 0.31 14.52 27.67
N GLY B 288 -0.03 15.51 26.85
CA GLY B 288 0.96 16.43 26.27
C GLY B 288 1.74 15.90 25.09
N GLN B 289 1.36 14.72 24.60
CA GLN B 289 2.08 14.11 23.48
C GLN B 289 1.34 14.28 22.15
N PHE B 290 2.12 14.33 21.07
CA PHE B 290 1.59 14.38 19.70
C PHE B 290 1.20 12.98 19.21
N TYR B 291 0.05 12.91 18.53
CA TYR B 291 -0.43 11.67 17.87
C TYR B 291 -0.74 11.93 16.43
N LEU B 292 -0.31 10.99 15.60
CA LEU B 292 -0.59 11.07 14.17
C LEU B 292 -2.02 10.68 13.84
N LEU B 293 -2.71 11.46 13.03
CA LEU B 293 -4.07 11.09 12.56
C LEU B 293 -4.05 10.39 11.22
N GLU B 294 -3.40 11.03 10.25
CA GLU B 294 -3.41 10.54 8.86
C GLU B 294 -2.49 11.35 8.00
N ALA B 295 -2.11 10.78 6.86
CA ALA B 295 -1.45 11.51 5.80
C ALA B 295 -2.39 11.71 4.64
N ASN B 296 -2.23 12.83 3.95
CA ASN B 296 -2.96 13.12 2.71
C ASN B 296 -2.02 13.41 1.57
N THR B 297 -2.14 12.58 0.52
CA THR B 297 -1.22 12.67 -0.62
C THR B 297 -1.75 13.44 -1.82
N SER B 298 -3.03 13.86 -1.81
CA SER B 298 -3.49 14.93 -2.76
C SER B 298 -4.24 16.02 -2.00
N PRO B 299 -3.50 16.87 -1.26
CA PRO B 299 -4.18 17.82 -0.35
C PRO B 299 -5.09 18.82 -1.01
N GLY B 300 -6.04 19.34 -0.23
CA GLY B 300 -6.90 20.40 -0.71
C GLY B 300 -6.11 21.62 -1.14
N MET B 301 -6.60 22.29 -2.19
CA MET B 301 -5.99 23.50 -2.70
C MET B 301 -7.00 24.68 -2.84
N THR B 302 -8.09 24.61 -2.12
CA THR B 302 -9.15 25.65 -2.17
C THR B 302 -8.76 26.93 -1.38
N SER B 303 -9.60 27.97 -1.51
CA SER B 303 -9.40 29.20 -0.73
C SER B 303 -9.38 28.95 0.80
N HIS B 304 -10.03 27.88 1.26
CA HIS B 304 -10.04 27.50 2.70
C HIS B 304 -8.91 26.53 3.08
N SER B 305 -8.10 26.12 2.10
CA SER B 305 -7.14 25.02 2.29
C SER B 305 -5.78 25.34 2.96
N LEU B 306 -5.24 24.28 3.55
CA LEU B 306 -4.10 24.36 4.48
C LEU B 306 -2.73 24.41 3.79
N VAL B 307 -2.48 23.59 2.77
CA VAL B 307 -1.17 23.68 2.10
C VAL B 307 -0.92 25.12 1.55
N PRO B 308 -1.94 25.74 0.91
CA PRO B 308 -1.69 27.15 0.46
C PRO B 308 -1.34 28.06 1.62
N MET B 309 -1.94 27.88 2.78
CA MET B 309 -1.61 28.74 3.95
C MET B 309 -0.15 28.58 4.34
N ALA B 310 0.31 27.33 4.45
CA ALA B 310 1.71 27.06 4.82
C ALA B 310 2.67 27.64 3.79
N ALA B 311 2.31 27.53 2.51
CA ALA B 311 3.18 28.00 1.42
C ALA B 311 3.27 29.53 1.44
N ARG B 312 2.13 30.19 1.73
CA ARG B 312 2.11 31.65 1.86
C ARG B 312 3.02 32.12 2.98
N GLN B 313 3.00 31.42 4.10
CA GLN B 313 3.88 31.74 5.20
C GLN B 313 5.34 31.53 4.81
N ALA B 314 5.59 30.54 3.96
CA ALA B 314 6.94 30.33 3.41
C ALA B 314 7.30 31.27 2.24
N GLY B 315 6.54 32.35 2.07
CA GLY B 315 6.87 33.39 1.09
C GLY B 315 6.62 33.04 -0.36
N MET B 316 5.77 32.04 -0.61
CA MET B 316 5.43 31.58 -1.97
C MET B 316 4.08 32.14 -2.42
N SER B 317 3.96 32.58 -3.67
CA SER B 317 2.60 32.80 -4.22
C SER B 317 1.97 31.42 -4.44
N PHE B 318 0.65 31.38 -4.51
CA PHE B 318 -0.01 30.12 -4.87
C PHE B 318 0.53 29.63 -6.20
N SER B 319 0.74 30.54 -7.17
CA SER B 319 1.31 30.14 -8.45
C SER B 319 2.67 29.46 -8.29
N GLN B 320 3.53 30.02 -7.44
CA GLN B 320 4.87 29.42 -7.23
C GLN B 320 4.72 28.02 -6.63
N LEU B 321 3.81 27.86 -5.66
CA LEU B 321 3.52 26.57 -5.08
C LEU B 321 3.16 25.51 -6.11
N VAL B 322 2.18 25.80 -6.97
CA VAL B 322 1.76 24.79 -7.92
C VAL B 322 2.81 24.50 -9.01
N VAL B 323 3.55 25.54 -9.44
CA VAL B 323 4.64 25.31 -10.38
C VAL B 323 5.70 24.39 -9.75
N ARG B 324 5.98 24.56 -8.47
CA ARG B 324 6.97 23.73 -7.77
C ARG B 324 6.48 22.26 -7.66
N ILE B 325 5.22 22.07 -7.30
CA ILE B 325 4.66 20.72 -7.23
C ILE B 325 4.77 20.04 -8.58
N LEU B 326 4.43 20.77 -9.65
CA LEU B 326 4.54 20.23 -11.00
C LEU B 326 6.00 19.90 -11.36
N GLU B 327 6.94 20.77 -11.00
CA GLU B 327 8.36 20.55 -11.37
C GLU B 327 8.91 19.28 -10.75
N LEU B 328 8.36 18.93 -9.60
CA LEU B 328 8.79 17.75 -8.85
C LEU B 328 8.29 16.44 -9.47
N ALA B 329 7.37 16.49 -10.42
CA ALA B 329 6.84 15.28 -11.05
C ALA B 329 7.93 14.64 -11.90
N ASP B 330 8.01 13.31 -11.76
CA ASP B 330 8.89 12.33 -12.45
C ASP B 330 9.53 12.73 -13.79
PG ATP C . 9.35 -15.85 -3.60
O1G ATP C . 9.76 -16.57 -4.82
O2G ATP C . 8.47 -16.65 -2.75
O3G ATP C . 8.57 -14.70 -4.17
PB ATP C . 11.23 -13.88 -2.18
O1B ATP C . 10.14 -12.88 -2.45
O2B ATP C . 12.47 -13.61 -2.97
O3B ATP C . 10.64 -15.39 -2.37
PA ATP C . 11.49 -14.50 0.71
O1A ATP C . 10.34 -15.50 0.54
O2A ATP C . 11.42 -13.57 1.90
O3A ATP C . 11.65 -13.63 -0.64
O5' ATP C . 12.89 -15.25 0.85
C5' ATP C . 13.29 -16.21 -0.10
C4' ATP C . 13.94 -17.40 0.62
O4' ATP C . 15.02 -17.03 1.50
C3' ATP C . 12.93 -18.10 1.53
O3' ATP C . 12.09 -19.00 0.83
C2' ATP C . 13.82 -18.80 2.57
O2' ATP C . 14.44 -20.00 2.05
C1' ATP C . 14.94 -17.80 2.71
N9 ATP C . 14.77 -16.83 3.80
C8 ATP C . 14.12 -15.64 3.75
N7 ATP C . 14.21 -14.97 4.94
C5 ATP C . 14.93 -15.76 5.77
C6 ATP C . 15.41 -15.62 7.14
N6 ATP C . 15.13 -14.53 7.88
N1 ATP C . 16.14 -16.66 7.60
C2 ATP C . 16.43 -17.75 6.86
N3 ATP C . 16.04 -17.95 5.59
C4 ATP C . 15.31 -16.96 5.03
N DAL D . 7.44 -14.93 -6.72
CA DAL D . 7.76 -16.22 -7.38
CB DAL D . 7.20 -16.23 -8.83
C DAL D . 7.20 -17.41 -6.62
O DAL D . 6.09 -17.34 -6.11
N DAL E . 7.98 -18.50 -6.60
CA DAL E . 7.61 -19.76 -5.91
CB DAL E . 8.89 -20.54 -5.54
C DAL E . 6.81 -20.60 -6.87
O DAL E . 5.97 -21.38 -6.34
OXT DAL E . 6.96 -20.51 -8.10
MG MG F . 8.20 -13.29 -2.87
MG MG G . 9.20 -16.19 -0.91
MG MG H . 12.91 -28.65 -13.82
C1 GOL I . 12.14 -20.52 -14.56
O1 GOL I . 10.91 -21.17 -14.36
C2 GOL I . 13.23 -21.49 -15.03
O2 GOL I . 13.03 -21.80 -16.39
C3 GOL I . 14.61 -20.88 -14.79
O3 GOL I . 14.79 -19.52 -15.19
C1 GOL J . 34.77 -5.61 -0.04
O1 GOL J . 34.90 -6.93 -0.50
C2 GOL J . 34.20 -4.79 -1.18
O2 GOL J . 32.80 -4.65 -0.99
C3 GOL J . 34.86 -3.42 -1.10
O3 GOL J . 36.19 -3.46 -1.54
PG ATP K . -8.83 15.54 5.59
O1G ATP K . -9.66 16.61 4.96
O2G ATP K . -7.64 16.20 6.08
O3G ATP K . -8.44 14.69 4.44
PB ATP K . -10.00 13.17 7.14
O1B ATP K . -9.19 12.38 6.11
O2B ATP K . -11.49 13.05 6.92
O3B ATP K . -9.43 14.69 7.12
PA ATP K . -8.89 12.96 9.88
O1A ATP K . -7.90 14.06 9.48
O2A ATP K . -8.39 11.71 10.56
O3A ATP K . -9.70 12.47 8.56
O5' ATP K . -10.06 13.53 10.84
C5' ATP K . -10.79 14.69 10.46
C4' ATP K . -10.93 15.60 11.70
O4' ATP K . -11.51 14.93 12.83
C3' ATP K . -9.57 16.07 12.24
O3' ATP K . -9.08 17.18 11.47
C2' ATP K . -9.87 16.43 13.68
O2' ATP K . -10.57 17.68 13.82
C1' ATP K . -10.87 15.36 14.03
N9 ATP K . -10.30 14.12 14.61
C8 ATP K . -9.82 13.06 13.92
N7 ATP K . -9.41 12.10 14.77
C5 ATP K . -9.65 12.55 16.03
C6 ATP K . -9.51 12.02 17.38
N6 ATP K . -9.02 10.79 17.64
N1 ATP K . -9.91 12.82 18.38
C2 ATP K . -10.41 14.04 18.19
N3 ATP K . -10.58 14.60 16.97
C4 ATP K . -10.24 13.87 15.90
N DAL L . -8.54 15.68 1.80
CA DAL L . -9.10 17.06 1.73
CB DAL L . -9.29 17.47 0.28
C DAL L . -8.19 18.05 2.47
O DAL L . -6.97 17.95 2.38
N DAL M . -8.80 19.00 3.16
CA DAL M . -8.09 20.05 3.90
CB DAL M . -8.97 20.59 5.02
C DAL M . -7.76 21.21 2.97
O DAL M . -6.76 21.87 3.28
OXT DAL M . -8.44 21.50 1.96
MG MG N . -7.64 13.01 5.00
MG MG O . -7.52 15.12 7.91
MG MG P . -15.81 30.39 2.12
MG MG Q . -30.50 3.58 18.76
#